data_6XW4
#
_entry.id   6XW4
#
_cell.length_a   75.330
_cell.length_b   109.040
_cell.length_c   146.660
_cell.angle_alpha   90.000
_cell.angle_beta   90.000
_cell.angle_gamma   90.000
#
_symmetry.space_group_name_H-M   'P 21 21 21'
#
loop_
_entity.id
_entity.type
_entity.pdbx_description
1 polymer 'Capsid protein'
2 polymer 'Nanobody NB-5867'
3 non-polymer 1,2-ETHANEDIOL
4 water water
#
loop_
_entity_poly.entity_id
_entity_poly.type
_entity_poly.pdbx_seq_one_letter_code
_entity_poly.pdbx_strand_id
1 'polypeptide(L)'
;RMVDLPVIQPRLCTHARWPAPVYGLLVDPSLPSNPQWQNGRVHVDGTLLGTTPISGSWVSCFAAEAAYKFQSGTGEVATF
TLIEQDGSAYVPGDRAAPLGYPDFSGQLEIEVQTETTKTGDKLKVTTFEMILGPTTNADQAPYQGRVFASVTAAASLDLV
DGRVRAVPRSIYGFQDTIPEYNDGLLVPLAPPIGPFLPGEVLLRFRTYMRQIDTADAAAEAIDCALPQEFVSWFASNAFT
VQSEALLLRYRNTLTGQLLFECKLYNEGYIALSYSGSGPLTFPTDGIFEVVSWVPRLYQLASVGSL
;
A,B
2 'polypeptide(L)'
;QVQLQESGGGLVQAGGSLRLSCAKSGRTFRAYAMGWFRQAPGKEREFVAAIDWSAAITNYADSVKGRFTILRDKGMNTAY
LQMNSLEPEDTAVYYCAATYSTIAPRTSYDFWGQGTQVTVSSHHHHHH
;
C,D
#
# COMPACT_ATOMS: atom_id res chain seq x y z
N MET A 2 25.71 19.21 20.05
CA MET A 2 25.93 17.76 20.35
C MET A 2 24.87 16.95 19.59
N VAL A 3 25.16 15.68 19.38
CA VAL A 3 24.22 14.64 18.84
C VAL A 3 23.11 14.38 19.87
N ASP A 4 21.86 14.46 19.43
CA ASP A 4 20.69 14.04 20.24
C ASP A 4 19.88 13.09 19.34
N LEU A 5 18.80 12.55 19.88
CA LEU A 5 17.92 11.63 19.17
C LEU A 5 16.53 12.22 19.25
N PRO A 6 15.67 11.91 18.28
CA PRO A 6 14.27 12.31 18.38
C PRO A 6 13.64 11.59 19.59
N VAL A 7 12.80 12.30 20.32
CA VAL A 7 12.01 11.77 21.45
C VAL A 7 10.77 11.08 20.89
N ILE A 8 10.92 9.82 20.43
CA ILE A 8 9.80 9.02 19.84
C ILE A 8 9.95 7.58 20.33
N GLN A 9 8.91 7.06 20.93
CA GLN A 9 8.86 5.64 21.34
C GLN A 9 8.98 4.80 20.07
N PRO A 10 9.78 3.71 20.10
CA PRO A 10 9.84 2.77 18.99
C PRO A 10 8.48 2.32 18.44
N ARG A 11 7.49 2.02 19.26
CA ARG A 11 6.14 1.61 18.75
C ARG A 11 5.43 2.72 17.98
N LEU A 12 5.90 3.96 18.02
CA LEU A 12 5.25 5.07 17.27
C LEU A 12 6.06 5.40 16.01
N CYS A 13 7.16 4.67 15.76
CA CYS A 13 8.10 4.87 14.63
C CYS A 13 7.74 4.04 13.39
N THR A 14 8.39 4.36 12.29
CA THR A 14 8.18 3.74 10.95
C THR A 14 9.32 2.76 10.67
N HIS A 15 9.04 1.58 10.14
CA HIS A 15 10.12 0.62 9.80
C HIS A 15 10.94 1.16 8.61
N ALA A 16 12.23 0.81 8.51
CA ALA A 16 13.16 1.34 7.49
C ALA A 16 13.34 0.36 6.31
N ARG A 17 12.76 -0.84 6.31
CA ARG A 17 12.97 -1.83 5.21
C ARG A 17 11.64 -2.31 4.61
N TRP A 18 10.55 -2.14 5.34
CA TRP A 18 9.17 -2.48 4.89
C TRP A 18 8.25 -1.37 5.36
N PRO A 19 7.34 -0.84 4.51
CA PRO A 19 6.55 0.34 4.89
C PRO A 19 5.39 -0.01 5.85
N ALA A 20 5.72 -0.08 7.13
CA ALA A 20 4.78 -0.44 8.23
C ALA A 20 5.35 0.07 9.55
N PRO A 21 4.49 0.11 10.59
CA PRO A 21 4.91 0.45 11.94
C PRO A 21 6.01 -0.49 12.46
N VAL A 22 6.92 0.00 13.31
CA VAL A 22 7.77 -0.86 14.18
C VAL A 22 6.84 -1.48 15.23
N TYR A 23 6.90 -2.80 15.39
CA TYR A 23 6.04 -3.53 16.35
C TYR A 23 6.87 -4.21 17.42
N GLY A 24 8.16 -4.44 17.16
CA GLY A 24 9.02 -5.22 18.07
C GLY A 24 10.42 -4.63 18.24
N LEU A 25 11.05 -4.90 19.38
CA LEU A 25 12.42 -4.46 19.69
C LEU A 25 13.11 -5.64 20.36
N LEU A 26 14.22 -6.14 19.82
CA LEU A 26 14.79 -7.39 20.36
C LEU A 26 16.22 -7.60 19.90
N VAL A 27 16.86 -8.54 20.57
CA VAL A 27 18.14 -9.15 20.14
C VAL A 27 17.86 -10.64 19.93
N ASP A 28 18.57 -11.26 19.01
CA ASP A 28 18.41 -12.71 18.75
C ASP A 28 19.71 -13.21 18.12
N PRO A 29 20.67 -13.71 18.93
CA PRO A 29 21.96 -14.15 18.42
C PRO A 29 21.87 -15.44 17.58
N SER A 30 20.71 -16.11 17.49
CA SER A 30 20.52 -17.25 16.56
C SER A 30 20.35 -16.73 15.14
N LEU A 31 20.19 -15.41 14.92
CA LEU A 31 19.96 -14.84 13.56
C LEU A 31 21.31 -14.43 13.00
N PRO A 32 21.44 -14.27 11.66
CA PRO A 32 22.70 -13.79 11.09
C PRO A 32 23.16 -12.52 11.82
N SER A 33 24.41 -12.49 12.27
CA SER A 33 24.98 -11.46 13.18
C SER A 33 25.27 -10.17 12.41
N ASN A 34 25.60 -10.29 11.12
CA ASN A 34 26.23 -9.22 10.30
C ASN A 34 25.41 -9.06 8.99
N PRO A 35 24.10 -8.71 9.05
CA PRO A 35 23.31 -8.59 7.83
C PRO A 35 23.81 -7.46 6.92
N GLN A 36 23.55 -7.60 5.62
CA GLN A 36 23.99 -6.65 4.56
C GLN A 36 22.75 -5.96 3.98
N TRP A 37 21.86 -5.53 4.85
CA TRP A 37 20.72 -4.63 4.53
C TRP A 37 21.22 -3.40 3.76
N GLN A 38 20.50 -2.98 2.72
CA GLN A 38 20.86 -1.79 1.90
C GLN A 38 19.94 -0.59 2.19
N ASN A 39 18.76 -0.83 2.76
CA ASN A 39 17.89 0.23 3.32
C ASN A 39 18.08 0.28 4.84
N GLY A 40 17.75 1.42 5.43
CA GLY A 40 17.88 1.67 6.87
C GLY A 40 19.34 1.81 7.28
N ARG A 41 20.18 2.32 6.39
CA ARG A 41 21.64 2.41 6.58
C ARG A 41 22.07 3.87 6.46
N VAL A 42 22.54 4.42 7.57
CA VAL A 42 23.01 5.83 7.65
C VAL A 42 24.07 5.91 8.75
N HIS A 43 25.09 6.76 8.52
CA HIS A 43 26.10 7.14 9.53
C HIS A 43 25.50 8.22 10.44
N VAL A 44 25.95 8.30 11.70
CA VAL A 44 25.57 9.41 12.63
C VAL A 44 25.80 10.77 11.95
N ASP A 45 26.81 10.91 11.08
CA ASP A 45 27.10 12.20 10.41
C ASP A 45 26.10 12.51 9.29
N GLY A 46 25.11 11.65 9.05
CA GLY A 46 24.06 11.87 8.05
C GLY A 46 24.37 11.28 6.69
N THR A 47 25.50 10.59 6.51
CA THR A 47 25.87 9.93 5.24
C THR A 47 24.99 8.69 5.04
N LEU A 48 24.14 8.73 3.99
CA LEU A 48 23.30 7.59 3.59
C LEU A 48 24.15 6.51 2.92
N LEU A 49 23.95 5.26 3.31
CA LEU A 49 24.58 4.08 2.66
C LEU A 49 23.55 3.33 1.80
N GLY A 50 24.06 2.57 0.84
CA GLY A 50 23.25 1.68 0.02
C GLY A 50 22.14 2.45 -0.67
N THR A 51 20.93 1.94 -0.62
CA THR A 51 19.78 2.45 -1.38
C THR A 51 18.89 3.20 -0.41
N THR A 52 19.37 3.45 0.81
CA THR A 52 18.61 4.09 1.93
C THR A 52 18.03 5.43 1.46
N PRO A 53 16.69 5.58 1.48
CA PRO A 53 16.08 6.87 1.23
C PRO A 53 15.83 7.64 2.53
N ILE A 54 15.62 8.94 2.40
CA ILE A 54 15.22 9.83 3.54
C ILE A 54 13.74 9.61 3.89
N SER A 55 12.86 9.58 2.89
CA SER A 55 11.41 9.37 3.06
C SER A 55 11.06 7.89 3.26
N GLY A 56 10.32 7.61 4.34
CA GLY A 56 9.77 6.27 4.63
C GLY A 56 8.87 5.74 3.51
N SER A 57 8.17 6.60 2.78
CA SER A 57 7.23 6.18 1.70
C SER A 57 7.98 5.57 0.49
N TRP A 58 9.30 5.76 0.37
CA TRP A 58 10.11 5.22 -0.74
C TRP A 58 10.47 3.76 -0.47
N VAL A 59 10.34 3.31 0.76
CA VAL A 59 10.93 2.03 1.22
C VAL A 59 10.15 0.88 0.59
N SER A 60 10.89 -0.02 -0.06
CA SER A 60 10.37 -1.22 -0.74
C SER A 60 9.43 -0.82 -1.89
N CYS A 61 9.69 0.33 -2.53
CA CYS A 61 8.92 0.85 -3.68
C CYS A 61 9.89 1.20 -4.81
N PHE A 62 9.37 1.39 -6.01
CA PHE A 62 10.18 1.90 -7.14
C PHE A 62 9.24 2.63 -8.09
N ALA A 63 9.81 3.52 -8.89
CA ALA A 63 9.09 4.23 -9.95
C ALA A 63 9.71 3.80 -11.28
N ALA A 64 8.96 3.99 -12.35
CA ALA A 64 9.36 3.47 -13.67
C ALA A 64 8.48 4.05 -14.78
N GLU A 65 9.05 3.99 -15.99
CA GLU A 65 8.31 3.98 -17.28
C GLU A 65 7.96 2.51 -17.49
N ALA A 66 6.67 2.18 -17.45
CA ALA A 66 6.19 0.80 -17.61
C ALA A 66 5.79 0.58 -19.06
N ALA A 67 6.18 -0.59 -19.58
CA ALA A 67 5.74 -1.12 -20.88
C ALA A 67 5.14 -2.49 -20.64
N TYR A 68 3.96 -2.71 -21.22
CA TYR A 68 3.12 -3.90 -20.99
C TYR A 68 3.00 -4.66 -22.33
N LYS A 69 3.03 -5.97 -22.28
CA LYS A 69 2.69 -6.84 -23.42
C LYS A 69 1.99 -8.09 -22.89
N PHE A 70 1.18 -8.72 -23.75
CA PHE A 70 0.55 -10.03 -23.48
C PHE A 70 1.35 -11.12 -24.22
N GLN A 71 1.63 -12.23 -23.57
CA GLN A 71 2.49 -13.34 -24.08
C GLN A 71 1.74 -14.61 -23.65
N SER A 72 1.02 -15.28 -24.55
CA SER A 72 0.09 -16.38 -24.18
C SER A 72 0.91 -17.50 -23.53
N GLY A 73 0.37 -18.12 -22.46
CA GLY A 73 1.10 -19.08 -21.62
C GLY A 73 1.89 -18.46 -20.46
N THR A 74 2.18 -17.15 -20.53
CA THR A 74 2.77 -16.35 -19.40
C THR A 74 1.72 -15.42 -18.80
N GLY A 75 1.08 -14.61 -19.62
CA GLY A 75 0.07 -13.63 -19.20
C GLY A 75 0.47 -12.22 -19.54
N GLU A 76 0.08 -11.24 -18.71
CA GLU A 76 0.52 -9.85 -18.89
C GLU A 76 1.91 -9.71 -18.28
N VAL A 77 2.87 -9.22 -19.09
CA VAL A 77 4.28 -8.96 -18.68
C VAL A 77 4.50 -7.46 -18.60
N ALA A 78 5.07 -6.99 -17.48
CA ALA A 78 5.47 -5.57 -17.29
C ALA A 78 6.99 -5.52 -17.28
N THR A 79 7.53 -4.68 -18.15
CA THR A 79 8.94 -4.27 -18.18
C THR A 79 8.98 -2.86 -17.62
N PHE A 80 9.72 -2.70 -16.52
CA PHE A 80 9.78 -1.44 -15.76
C PHE A 80 11.15 -0.84 -16.02
N THR A 81 11.19 0.33 -16.67
CA THR A 81 12.42 1.13 -16.87
C THR A 81 12.54 2.11 -15.71
N LEU A 82 13.45 1.84 -14.78
CA LEU A 82 13.42 2.53 -13.47
C LEU A 82 13.80 4.01 -13.60
N ILE A 83 13.16 4.83 -12.76
CA ILE A 83 13.54 6.24 -12.44
C ILE A 83 13.58 6.33 -10.93
N GLU A 84 14.15 7.39 -10.38
CA GLU A 84 14.09 7.64 -8.92
C GLU A 84 12.66 8.10 -8.62
N GLN A 85 12.23 7.89 -7.38
CA GLN A 85 10.82 8.08 -6.96
C GLN A 85 10.45 9.56 -7.02
N ASP A 86 11.40 10.49 -7.09
CA ASP A 86 11.03 11.92 -7.25
C ASP A 86 10.82 12.27 -8.73
N GLY A 87 11.01 11.32 -9.64
CA GLY A 87 10.84 11.51 -11.11
C GLY A 87 12.15 11.84 -11.79
N SER A 88 13.21 12.13 -11.04
CA SER A 88 14.56 12.39 -11.62
C SER A 88 15.09 11.08 -12.24
N ALA A 89 15.94 11.20 -13.25
CA ALA A 89 16.44 10.03 -14.01
C ALA A 89 17.24 9.15 -13.07
N TYR A 90 17.08 7.83 -13.20
CA TYR A 90 17.92 6.85 -12.50
C TYR A 90 19.21 6.72 -13.31
N VAL A 91 20.35 6.88 -12.65
CA VAL A 91 21.67 6.77 -13.29
C VAL A 91 22.45 5.75 -12.49
N PRO A 92 22.93 4.66 -13.14
CA PRO A 92 23.76 3.69 -12.43
C PRO A 92 24.96 4.39 -11.78
N GLY A 93 25.13 4.19 -10.48
CA GLY A 93 26.13 4.88 -9.66
C GLY A 93 26.68 3.97 -8.58
N ASP A 94 27.05 4.53 -7.44
CA ASP A 94 27.82 3.82 -6.41
C ASP A 94 26.82 3.26 -5.39
N ARG A 95 25.82 2.53 -5.87
CA ARG A 95 24.82 1.84 -5.01
C ARG A 95 24.03 0.87 -5.90
N ALA A 96 23.29 -0.06 -5.29
CA ALA A 96 22.81 -1.27 -5.96
C ALA A 96 21.67 -0.96 -6.93
N ALA A 97 20.90 0.11 -6.71
CA ALA A 97 19.54 0.26 -7.29
C ALA A 97 19.03 1.67 -7.01
N PRO A 98 17.85 2.05 -7.53
CA PRO A 98 17.23 3.29 -7.11
C PRO A 98 16.98 3.30 -5.59
N LEU A 99 16.91 4.50 -5.03
CA LEU A 99 16.69 4.68 -3.58
C LEU A 99 15.36 4.01 -3.22
N GLY A 100 15.36 3.24 -2.13
CA GLY A 100 14.17 2.57 -1.55
C GLY A 100 13.88 1.20 -2.15
N TYR A 101 14.56 0.83 -3.23
CA TYR A 101 14.35 -0.46 -3.92
C TYR A 101 14.47 -1.57 -2.88
N PRO A 102 13.62 -2.61 -2.90
CA PRO A 102 13.67 -3.65 -1.88
C PRO A 102 15.06 -4.28 -1.76
N ASP A 103 15.45 -4.64 -0.53
CA ASP A 103 16.78 -5.17 -0.16
C ASP A 103 16.62 -6.57 0.45
N PHE A 104 15.54 -7.27 0.09
CA PHE A 104 15.27 -8.65 0.55
C PHE A 104 14.78 -9.44 -0.68
N SER A 105 14.58 -10.74 -0.48
CA SER A 105 14.22 -11.68 -1.56
C SER A 105 12.80 -12.24 -1.37
N GLY A 106 12.30 -12.81 -2.46
CA GLY A 106 10.99 -13.46 -2.50
C GLY A 106 10.23 -12.87 -3.65
N GLN A 107 8.97 -13.24 -3.75
CA GLN A 107 8.05 -12.64 -4.73
C GLN A 107 7.20 -11.57 -4.04
N LEU A 108 7.27 -10.37 -4.60
CA LEU A 108 6.48 -9.20 -4.13
C LEU A 108 5.24 -9.12 -5.03
N GLU A 109 4.03 -9.05 -4.47
CA GLU A 109 2.89 -8.43 -5.18
C GLU A 109 3.07 -6.92 -5.14
N ILE A 110 3.08 -6.27 -6.30
CA ILE A 110 3.15 -4.80 -6.41
C ILE A 110 1.83 -4.27 -6.94
N GLU A 111 1.54 -3.03 -6.64
CA GLU A 111 0.36 -2.36 -7.23
C GLU A 111 0.83 -1.16 -8.02
N VAL A 112 0.24 -0.94 -9.18
CA VAL A 112 0.58 0.24 -10.00
C VAL A 112 -0.71 0.83 -10.52
N GLN A 113 -0.74 2.15 -10.69
CA GLN A 113 -1.76 2.85 -11.49
C GLN A 113 -1.63 2.34 -12.92
N THR A 114 -2.70 1.82 -13.51
CA THR A 114 -2.77 1.42 -14.94
C THR A 114 -3.90 2.18 -15.64
N GLU A 115 -3.79 2.31 -16.95
CA GLU A 115 -4.84 2.77 -17.87
C GLU A 115 -5.11 1.65 -18.88
N THR A 116 -6.38 1.31 -19.07
CA THR A 116 -6.83 0.24 -20.01
C THR A 116 -7.80 0.87 -21.01
N THR A 117 -7.95 0.24 -22.19
CA THR A 117 -8.91 0.62 -23.27
C THR A 117 -10.07 -0.40 -23.31
N LYS A 118 -9.81 -1.68 -23.00
CA LYS A 118 -10.83 -2.72 -22.67
C LYS A 118 -11.83 -2.12 -21.66
N THR A 119 -13.13 -2.28 -21.89
CA THR A 119 -14.15 -1.34 -21.35
C THR A 119 -14.75 -1.85 -20.03
N GLY A 120 -14.87 -0.90 -19.08
CA GLY A 120 -15.13 -0.99 -17.63
C GLY A 120 -14.69 0.31 -16.96
N ASP A 121 -13.92 0.24 -15.86
CA ASP A 121 -13.08 1.37 -15.36
C ASP A 121 -11.91 1.58 -16.35
N LYS A 122 -11.52 2.84 -16.65
CA LYS A 122 -10.40 3.19 -17.57
C LYS A 122 -9.08 3.36 -16.79
N LEU A 123 -8.98 4.31 -15.84
CA LEU A 123 -7.87 4.34 -14.85
C LEU A 123 -8.22 3.38 -13.73
N LYS A 124 -7.31 2.45 -13.39
CA LYS A 124 -7.45 1.57 -12.20
C LYS A 124 -6.08 1.17 -11.65
N VAL A 125 -6.07 0.36 -10.59
CA VAL A 125 -4.82 -0.15 -9.97
C VAL A 125 -4.77 -1.64 -10.26
N THR A 126 -3.64 -2.08 -10.80
CA THR A 126 -3.39 -3.50 -11.22
C THR A 126 -2.28 -4.07 -10.31
N THR A 127 -2.52 -5.27 -9.80
CA THR A 127 -1.51 -6.06 -9.09
C THR A 127 -0.71 -6.91 -10.08
N PHE A 128 0.62 -6.89 -9.93
CA PHE A 128 1.58 -7.76 -10.62
C PHE A 128 2.38 -8.50 -9.59
N GLU A 129 2.97 -9.61 -10.02
N GLU A 129 2.97 -9.60 -10.02
CA GLU A 129 3.93 -10.42 -9.25
CA GLU A 129 3.92 -10.46 -9.25
C GLU A 129 5.34 -10.18 -9.82
C GLU A 129 5.33 -10.21 -9.81
N MET A 130 6.29 -9.90 -8.93
CA MET A 130 7.68 -9.59 -9.28
C MET A 130 8.62 -10.40 -8.36
N ILE A 131 9.52 -11.17 -8.95
CA ILE A 131 10.57 -11.86 -8.16
C ILE A 131 11.74 -10.92 -7.93
N LEU A 132 11.99 -10.61 -6.65
CA LEU A 132 13.15 -9.81 -6.21
C LEU A 132 14.41 -10.69 -6.28
N GLY A 133 14.29 -11.92 -5.80
CA GLY A 133 15.38 -12.92 -5.75
C GLY A 133 14.83 -14.22 -5.22
N PRO A 134 15.58 -15.36 -5.27
CA PRO A 134 16.94 -15.37 -5.77
C PRO A 134 17.04 -15.42 -7.30
N THR A 135 18.27 -15.59 -7.75
CA THR A 135 18.69 -15.83 -9.15
C THR A 135 18.02 -17.13 -9.63
N THR A 136 18.08 -17.40 -10.94
CA THR A 136 17.41 -18.53 -11.65
C THR A 136 15.92 -18.23 -11.76
N ASN A 137 15.55 -16.94 -11.76
CA ASN A 137 14.14 -16.52 -11.91
C ASN A 137 14.04 -15.57 -13.10
N ALA A 138 13.92 -14.27 -12.88
CA ALA A 138 13.51 -13.29 -13.91
C ALA A 138 14.70 -12.52 -14.48
N ASP A 139 15.93 -12.74 -13.99
CA ASP A 139 17.12 -11.97 -14.45
C ASP A 139 16.87 -10.46 -14.24
N GLN A 140 16.57 -10.07 -13.02
CA GLN A 140 16.31 -8.65 -12.65
C GLN A 140 17.62 -7.89 -12.75
N ALA A 141 17.58 -6.65 -13.22
CA ALA A 141 18.78 -5.77 -13.26
C ALA A 141 18.41 -4.36 -12.85
N PRO A 142 17.92 -4.13 -11.61
CA PRO A 142 17.61 -2.77 -11.17
C PRO A 142 18.87 -1.89 -11.17
N TYR A 143 20.06 -2.45 -10.94
CA TYR A 143 21.31 -1.65 -11.08
C TYR A 143 21.35 -0.93 -12.44
N GLN A 144 20.93 -1.61 -13.51
CA GLN A 144 20.98 -1.08 -14.89
C GLN A 144 19.63 -0.47 -15.24
N GLY A 145 18.69 -0.47 -14.32
CA GLY A 145 17.42 0.28 -14.46
C GLY A 145 16.35 -0.53 -15.16
N ARG A 146 16.40 -1.86 -15.11
CA ARG A 146 15.35 -2.68 -15.78
C ARG A 146 14.97 -3.87 -14.91
N VAL A 147 13.66 -4.01 -14.67
CA VAL A 147 13.07 -5.14 -13.91
C VAL A 147 11.75 -5.55 -14.54
N PHE A 148 11.28 -6.73 -14.18
CA PHE A 148 10.22 -7.49 -14.89
C PHE A 148 9.22 -8.02 -13.87
N ALA A 149 7.95 -7.97 -14.22
CA ALA A 149 6.86 -8.50 -13.39
C ALA A 149 5.81 -9.05 -14.35
N SER A 150 4.89 -9.84 -13.82
CA SER A 150 3.86 -10.48 -14.65
C SER A 150 2.68 -10.89 -13.79
N VAL A 151 1.57 -11.18 -14.46
CA VAL A 151 0.36 -11.69 -13.80
C VAL A 151 -0.36 -12.61 -14.78
N THR A 152 -0.99 -13.65 -14.26
CA THR A 152 -1.83 -14.58 -15.04
C THR A 152 -2.96 -13.76 -15.68
N ALA A 153 -3.15 -13.86 -16.98
CA ALA A 153 -4.29 -13.26 -17.73
C ALA A 153 -4.70 -14.22 -18.84
N ALA A 154 -6.00 -14.47 -19.00
CA ALA A 154 -6.55 -15.29 -20.13
C ALA A 154 -6.31 -14.56 -21.46
N ALA A 155 -6.37 -13.22 -21.49
CA ALA A 155 -6.07 -12.40 -22.70
C ALA A 155 -5.46 -11.05 -22.30
N SER A 156 -4.97 -10.29 -23.27
CA SER A 156 -4.38 -8.95 -23.09
C SER A 156 -5.27 -8.11 -22.15
N LEU A 157 -4.66 -7.42 -21.18
CA LEU A 157 -5.35 -6.42 -20.33
C LEU A 157 -5.48 -5.07 -21.06
N ASP A 158 -4.86 -4.91 -22.25
CA ASP A 158 -4.87 -3.68 -23.09
C ASP A 158 -4.42 -2.47 -22.27
N LEU A 159 -3.30 -2.62 -21.56
CA LEU A 159 -2.76 -1.55 -20.69
C LEU A 159 -1.97 -0.59 -21.57
N VAL A 160 -2.09 0.70 -21.27
CA VAL A 160 -1.32 1.81 -21.92
C VAL A 160 -0.01 1.97 -21.15
N ASP A 161 1.08 2.05 -21.89
CA ASP A 161 2.43 2.44 -21.42
C ASP A 161 2.32 3.80 -20.69
N GLY A 162 3.04 3.98 -19.58
CA GLY A 162 3.06 5.24 -18.79
C GLY A 162 3.87 5.08 -17.52
N ARG A 163 3.91 6.16 -16.71
CA ARG A 163 4.74 6.29 -15.48
C ARG A 163 4.00 5.58 -14.32
N VAL A 164 4.70 4.82 -13.50
CA VAL A 164 4.10 4.17 -12.32
C VAL A 164 4.97 4.47 -11.10
N ARG A 165 4.40 4.32 -9.91
CA ARG A 165 5.15 4.06 -8.66
C ARG A 165 4.58 2.77 -8.08
N ALA A 166 5.39 1.71 -8.10
CA ALA A 166 4.99 0.39 -7.60
C ALA A 166 5.18 0.37 -6.08
N VAL A 167 4.12 -0.05 -5.40
CA VAL A 167 4.08 -0.12 -3.91
C VAL A 167 3.75 -1.55 -3.56
N PRO A 168 4.25 -2.02 -2.41
CA PRO A 168 4.14 -3.41 -2.01
C PRO A 168 2.81 -3.82 -1.37
N ARG A 169 2.22 -4.88 -1.91
CA ARG A 169 0.96 -5.47 -1.39
C ARG A 169 1.26 -6.63 -0.43
N SER A 170 2.18 -7.51 -0.80
CA SER A 170 2.46 -8.75 -0.03
C SER A 170 3.78 -9.36 -0.48
N ILE A 171 4.29 -10.26 0.34
CA ILE A 171 5.54 -11.01 0.09
C ILE A 171 5.22 -12.51 0.14
N TYR A 172 5.79 -13.25 -0.79
CA TYR A 172 5.64 -14.73 -0.87
C TYR A 172 7.06 -15.31 -0.95
N GLY A 173 7.37 -16.29 -0.10
CA GLY A 173 8.69 -16.92 -0.05
C GLY A 173 9.73 -15.91 0.34
N PHE A 174 9.38 -15.03 1.29
CA PHE A 174 10.32 -14.04 1.87
C PHE A 174 11.61 -14.76 2.30
N GLN A 175 12.74 -14.13 2.02
CA GLN A 175 14.03 -14.49 2.63
C GLN A 175 14.87 -13.22 2.80
N ASP A 176 15.50 -13.03 3.96
CA ASP A 176 16.30 -11.82 4.27
C ASP A 176 17.74 -11.99 3.75
N THR A 177 17.89 -12.05 2.45
CA THR A 177 19.19 -11.98 1.74
C THR A 177 18.96 -10.99 0.61
N ILE A 178 20.01 -10.32 0.20
CA ILE A 178 19.87 -9.26 -0.83
C ILE A 178 19.27 -9.85 -2.10
N PRO A 179 18.45 -9.06 -2.83
CA PRO A 179 17.84 -9.52 -4.06
C PRO A 179 18.86 -9.63 -5.21
N GLU A 180 18.36 -9.98 -6.40
CA GLU A 180 19.14 -9.96 -7.66
C GLU A 180 19.18 -8.51 -8.18
N TYR A 181 20.29 -7.81 -7.95
CA TYR A 181 20.41 -6.38 -8.32
C TYR A 181 20.93 -6.20 -9.75
N ASN A 182 21.64 -7.17 -10.34
CA ASN A 182 22.35 -6.92 -11.62
C ASN A 182 22.58 -8.25 -12.35
N ASP A 183 21.56 -9.10 -12.39
CA ASP A 183 21.57 -10.33 -13.22
C ASP A 183 22.81 -11.19 -12.90
N GLY A 184 23.26 -11.25 -11.64
CA GLY A 184 24.42 -12.07 -11.26
C GLY A 184 25.73 -11.29 -11.23
N LEU A 185 25.76 -10.06 -11.74
CA LEU A 185 26.99 -9.22 -11.80
C LEU A 185 27.20 -8.49 -10.45
N LEU A 186 28.41 -7.97 -10.23
CA LEU A 186 28.74 -7.18 -9.02
C LEU A 186 27.97 -5.85 -9.01
N VAL A 187 27.59 -5.40 -7.81
CA VAL A 187 27.05 -4.03 -7.53
C VAL A 187 27.71 -3.51 -6.26
N PRO A 188 27.78 -2.16 -6.12
CA PRO A 188 28.23 -1.52 -4.87
C PRO A 188 27.20 -1.76 -3.76
N LEU A 189 27.66 -2.33 -2.64
CA LEU A 189 26.80 -2.65 -1.48
C LEU A 189 27.33 -1.89 -0.25
N ALA A 190 26.40 -1.36 0.55
CA ALA A 190 26.73 -1.05 1.95
C ALA A 190 27.28 -2.34 2.58
N PRO A 191 28.32 -2.21 3.42
CA PRO A 191 29.02 -3.36 3.97
C PRO A 191 28.15 -4.10 4.97
N PRO A 192 28.47 -5.36 5.26
CA PRO A 192 27.78 -6.10 6.29
C PRO A 192 27.76 -5.27 7.58
N ILE A 193 26.69 -5.31 8.35
CA ILE A 193 26.63 -4.57 9.64
C ILE A 193 27.64 -5.17 10.63
N GLY A 194 28.39 -4.32 11.33
CA GLY A 194 29.49 -4.75 12.19
C GLY A 194 30.71 -3.84 12.07
N PRO A 195 31.80 -4.11 12.84
CA PRO A 195 31.88 -5.28 13.72
C PRO A 195 31.29 -5.09 15.15
N PHE A 196 31.14 -6.20 15.88
CA PHE A 196 30.68 -6.25 17.28
C PHE A 196 31.83 -6.71 18.20
N LEU A 197 31.94 -6.10 19.39
CA LEU A 197 32.81 -6.67 20.47
C LEU A 197 32.35 -8.08 20.79
N PRO A 198 33.23 -8.91 21.40
CA PRO A 198 32.81 -10.19 21.97
C PRO A 198 31.68 -9.97 22.99
N GLY A 199 30.61 -10.74 22.84
CA GLY A 199 29.41 -10.65 23.69
C GLY A 199 28.43 -9.57 23.24
N GLU A 200 28.77 -8.72 22.25
CA GLU A 200 27.82 -7.69 21.71
C GLU A 200 26.98 -8.31 20.58
N VAL A 201 25.70 -7.96 20.50
CA VAL A 201 24.78 -8.40 19.41
C VAL A 201 23.94 -7.22 18.91
N LEU A 202 23.51 -7.32 17.66
CA LEU A 202 22.68 -6.32 16.95
C LEU A 202 21.31 -6.15 17.62
N LEU A 203 20.94 -4.91 17.87
CA LEU A 203 19.53 -4.55 18.20
C LEU A 203 18.72 -4.47 16.92
N ARG A 204 17.57 -5.10 16.93
CA ARG A 204 16.65 -5.23 15.78
C ARG A 204 15.37 -4.46 16.05
N PHE A 205 14.98 -3.58 15.13
CA PHE A 205 13.62 -2.99 15.06
C PHE A 205 12.81 -3.84 14.08
N ARG A 206 11.75 -4.51 14.56
CA ARG A 206 11.01 -5.58 13.86
C ARG A 206 9.65 -5.05 13.40
N THR A 207 9.26 -5.34 12.16
CA THR A 207 7.84 -5.24 11.74
C THR A 207 7.44 -6.58 11.10
N TYR A 208 6.19 -6.70 10.67
CA TYR A 208 5.59 -7.94 10.11
C TYR A 208 5.02 -7.60 8.74
N MET A 209 5.22 -8.49 7.80
CA MET A 209 4.92 -8.25 6.37
C MET A 209 3.63 -8.97 6.01
N ARG A 210 2.70 -8.27 5.38
CA ARG A 210 1.58 -8.90 4.65
C ARG A 210 2.16 -10.01 3.78
N GLN A 211 1.63 -11.22 3.92
CA GLN A 211 2.23 -12.42 3.30
C GLN A 211 1.19 -13.29 2.57
N ILE A 212 1.70 -14.08 1.65
CA ILE A 212 1.01 -15.28 1.11
C ILE A 212 1.76 -16.48 1.68
N ASP A 213 1.09 -17.31 2.48
CA ASP A 213 1.77 -18.44 3.13
C ASP A 213 0.76 -19.53 3.49
N THR A 214 1.25 -20.56 4.18
CA THR A 214 0.43 -21.70 4.67
C THR A 214 -0.47 -21.20 5.80
N ALA A 215 -1.57 -21.91 5.99
CA ALA A 215 -2.59 -21.51 6.99
C ALA A 215 -1.96 -21.33 8.37
N ASP A 216 -0.95 -22.13 8.70
CA ASP A 216 -0.34 -22.12 10.05
C ASP A 216 0.99 -21.37 10.13
N ALA A 217 1.28 -20.43 9.24
CA ALA A 217 2.59 -19.76 9.33
C ALA A 217 2.61 -18.65 10.40
N ALA A 218 3.78 -18.42 10.99
CA ALA A 218 4.01 -17.26 11.88
C ALA A 218 3.87 -15.99 11.03
N ALA A 219 3.57 -14.90 11.71
CA ALA A 219 3.77 -13.53 11.17
C ALA A 219 5.17 -13.52 10.54
N GLU A 220 5.33 -12.84 9.40
CA GLU A 220 6.60 -12.82 8.66
C GLU A 220 7.42 -11.61 9.14
N ALA A 221 8.41 -11.85 10.01
CA ALA A 221 9.21 -10.79 10.63
C ALA A 221 10.25 -10.27 9.63
N ILE A 222 10.47 -8.95 9.61
CA ILE A 222 11.67 -8.29 9.00
C ILE A 222 12.21 -7.25 10.00
N ASP A 223 13.53 -7.23 10.14
CA ASP A 223 14.30 -6.41 11.09
C ASP A 223 15.04 -5.29 10.37
N CYS A 224 15.29 -4.17 11.05
CA CYS A 224 16.22 -3.11 10.56
C CYS A 224 17.04 -2.56 11.74
N ALA A 225 18.12 -1.88 11.41
CA ALA A 225 19.14 -1.37 12.37
C ALA A 225 18.58 -0.16 13.12
N LEU A 226 17.82 0.69 12.44
CA LEU A 226 17.25 1.96 12.94
C LEU A 226 15.85 2.14 12.38
N PRO A 227 14.90 2.70 13.16
CA PRO A 227 13.64 3.13 12.58
C PRO A 227 13.92 4.26 11.58
N GLN A 228 13.00 4.47 10.66
CA GLN A 228 13.12 5.50 9.59
C GLN A 228 13.23 6.91 10.20
N GLU A 229 12.58 7.18 11.33
CA GLU A 229 12.65 8.53 11.95
C GLU A 229 14.11 8.80 12.36
N PHE A 230 14.86 7.77 12.77
CA PHE A 230 16.28 7.92 13.18
C PHE A 230 17.13 8.15 11.93
N VAL A 231 16.77 7.45 10.86
CA VAL A 231 17.49 7.62 9.57
C VAL A 231 17.35 9.07 9.10
N SER A 232 16.13 9.56 8.94
CA SER A 232 15.87 10.94 8.44
C SER A 232 16.49 11.94 9.41
N TRP A 233 16.49 11.65 10.71
CA TRP A 233 17.03 12.56 11.77
C TRP A 233 18.52 12.78 11.53
N PHE A 234 19.29 11.71 11.34
CA PHE A 234 20.76 11.80 11.07
C PHE A 234 20.98 12.51 9.74
N ALA A 235 20.23 12.20 8.68
CA ALA A 235 20.39 12.79 7.32
C ALA A 235 19.99 14.27 7.31
N SER A 236 19.01 14.69 8.10
CA SER A 236 18.44 16.06 8.05
C SER A 236 19.11 16.95 9.10
N ASN A 237 19.99 16.36 9.92
CA ASN A 237 20.88 17.07 10.86
C ASN A 237 22.29 17.07 10.27
N ALA A 238 23.21 17.80 10.90
CA ALA A 238 24.61 17.91 10.44
C ALA A 238 25.52 17.70 11.64
N PHE A 239 25.54 16.50 12.21
CA PHE A 239 26.25 16.28 13.49
C PHE A 239 27.72 16.16 13.19
N THR A 240 28.55 16.45 14.19
CA THR A 240 30.02 16.28 14.15
C THR A 240 30.37 15.07 15.00
N VAL A 241 31.07 14.10 14.45
CA VAL A 241 31.33 12.80 15.13
C VAL A 241 32.60 12.94 15.95
N GLN A 242 32.59 12.65 17.26
CA GLN A 242 33.74 12.91 18.17
C GLN A 242 34.49 11.60 18.46
N SER A 243 33.90 10.44 18.17
CA SER A 243 34.43 9.14 18.64
C SER A 243 33.72 8.03 17.87
N GLU A 244 34.09 6.78 18.14
CA GLU A 244 33.66 5.58 17.36
C GLU A 244 32.18 5.27 17.68
N ALA A 245 31.67 5.61 18.87
CA ALA A 245 30.32 5.20 19.31
C ALA A 245 29.68 6.21 20.29
N LEU A 246 28.37 6.10 20.43
CA LEU A 246 27.54 6.80 21.43
C LEU A 246 26.94 5.76 22.37
N LEU A 247 27.09 6.00 23.68
CA LEU A 247 26.36 5.23 24.71
C LEU A 247 24.92 5.74 24.72
N LEU A 248 23.95 4.84 24.51
CA LEU A 248 22.52 5.19 24.69
C LEU A 248 21.97 4.41 25.88
N ARG A 249 20.99 5.00 26.53
CA ARG A 249 20.18 4.34 27.57
C ARG A 249 18.74 4.44 27.12
N TYR A 250 18.08 3.28 27.04
CA TYR A 250 16.65 3.12 26.70
C TYR A 250 15.88 3.05 28.01
N ARG A 251 15.03 4.04 28.25
CA ARG A 251 14.39 4.26 29.58
C ARG A 251 12.87 4.32 29.39
N ASN A 252 12.18 3.80 30.39
CA ASN A 252 10.74 4.02 30.62
C ASN A 252 10.47 5.53 30.58
N THR A 253 9.50 5.90 29.76
CA THR A 253 9.17 7.30 29.41
C THR A 253 8.60 8.03 30.65
N LEU A 254 7.93 7.34 31.58
CA LEU A 254 7.17 7.97 32.70
C LEU A 254 8.05 7.98 33.96
N THR A 255 8.79 6.89 34.23
CA THR A 255 9.55 6.71 35.49
C THR A 255 11.04 7.01 35.29
N GLY A 256 11.58 6.92 34.08
CA GLY A 256 13.04 6.98 33.82
C GLY A 256 13.79 5.69 34.15
N GLN A 257 13.09 4.62 34.54
CA GLN A 257 13.71 3.31 34.83
C GLN A 257 14.50 2.86 33.60
N LEU A 258 15.75 2.45 33.80
CA LEU A 258 16.64 1.93 32.75
C LEU A 258 16.12 0.55 32.33
N LEU A 259 15.85 0.37 31.04
CA LEU A 259 15.49 -0.96 30.47
C LEU A 259 16.78 -1.61 29.95
N PHE A 260 17.65 -0.87 29.27
CA PHE A 260 18.99 -1.38 28.83
C PHE A 260 19.85 -0.22 28.35
N GLU A 261 21.16 -0.44 28.34
CA GLU A 261 22.13 0.48 27.69
C GLU A 261 22.70 -0.22 26.46
N CYS A 262 23.09 0.57 25.47
CA CYS A 262 23.55 0.07 24.17
C CYS A 262 24.52 1.08 23.55
N LYS A 263 25.17 0.67 22.48
CA LYS A 263 26.12 1.53 21.73
C LYS A 263 25.58 1.71 20.31
N LEU A 264 25.35 2.95 19.94
CA LEU A 264 25.20 3.37 18.53
C LEU A 264 26.60 3.59 18.00
N TYR A 265 27.16 2.60 17.31
CA TYR A 265 28.37 2.81 16.49
C TYR A 265 28.08 3.92 15.48
N ASN A 266 29.06 4.77 15.12
CA ASN A 266 28.78 5.92 14.24
C ASN A 266 28.45 5.44 12.81
N GLU A 267 28.68 4.17 12.48
CA GLU A 267 28.34 3.56 11.17
C GLU A 267 26.86 3.16 11.11
N GLY A 268 26.05 3.43 12.15
CA GLY A 268 24.58 3.43 12.08
C GLY A 268 23.93 2.17 12.62
N TYR A 269 24.60 1.38 13.44
CA TYR A 269 23.97 0.18 14.04
C TYR A 269 24.14 0.20 15.57
N ILE A 270 23.27 -0.50 16.28
CA ILE A 270 23.21 -0.49 17.76
C ILE A 270 23.55 -1.90 18.26
N ALA A 271 24.43 -1.99 19.26
CA ALA A 271 24.83 -3.23 19.95
C ALA A 271 24.37 -3.20 21.41
N LEU A 272 23.89 -4.33 21.92
CA LEU A 272 23.69 -4.64 23.37
C LEU A 272 24.67 -5.75 23.72
N SER A 273 25.10 -5.80 24.97
CA SER A 273 25.91 -6.91 25.53
C SER A 273 24.94 -7.96 26.03
N TYR A 274 24.86 -9.09 25.34
CA TYR A 274 23.88 -10.15 25.64
C TYR A 274 24.53 -11.50 25.41
N SER A 275 24.47 -12.39 26.40
CA SER A 275 25.14 -13.71 26.40
C SER A 275 24.16 -14.88 26.22
N GLY A 276 22.83 -14.68 26.22
CA GLY A 276 21.85 -15.75 25.97
C GLY A 276 21.91 -16.25 24.53
N SER A 277 21.28 -17.39 24.21
CA SER A 277 21.37 -18.05 22.87
C SER A 277 20.11 -17.79 22.04
N GLY A 278 18.97 -17.54 22.72
CA GLY A 278 17.65 -17.33 22.12
C GLY A 278 17.23 -15.86 22.15
N PRO A 279 16.10 -15.51 21.53
CA PRO A 279 15.66 -14.12 21.42
C PRO A 279 15.29 -13.51 22.78
N LEU A 280 15.55 -12.22 22.95
CA LEU A 280 15.10 -11.40 24.12
C LEU A 280 14.41 -10.15 23.58
N THR A 281 13.14 -9.99 23.92
CA THR A 281 12.31 -8.82 23.51
C THR A 281 12.31 -7.75 24.61
N PHE A 282 12.04 -6.53 24.19
CA PHE A 282 11.98 -5.33 25.02
C PHE A 282 10.66 -4.60 24.84
N PRO A 283 10.21 -3.88 25.89
CA PRO A 283 9.11 -2.93 25.73
C PRO A 283 9.44 -1.99 24.58
N THR A 284 8.40 -1.60 23.85
CA THR A 284 8.50 -0.72 22.67
C THR A 284 8.04 0.68 23.04
N ASP A 285 7.76 0.95 24.32
CA ASP A 285 7.22 2.26 24.77
C ASP A 285 8.24 2.98 25.65
N GLY A 286 9.54 2.69 25.46
CA GLY A 286 10.64 3.49 26.02
C GLY A 286 11.13 4.56 25.05
N ILE A 287 12.11 5.34 25.52
CA ILE A 287 12.85 6.38 24.77
C ILE A 287 14.36 6.11 24.88
N PHE A 288 15.05 6.19 23.76
CA PHE A 288 16.52 6.25 23.67
C PHE A 288 17.01 7.65 24.03
N GLU A 289 17.95 7.72 24.97
CA GLU A 289 18.69 8.97 25.31
C GLU A 289 20.18 8.76 25.03
N VAL A 290 20.78 9.76 24.41
CA VAL A 290 22.26 9.88 24.24
C VAL A 290 22.87 10.16 25.61
N VAL A 291 23.86 9.37 26.04
CA VAL A 291 24.59 9.68 27.29
C VAL A 291 25.88 10.42 26.92
N SER A 292 26.70 9.84 26.04
CA SER A 292 28.10 10.30 25.79
C SER A 292 28.72 9.59 24.57
N TRP A 293 29.63 10.29 23.90
CA TRP A 293 30.65 9.63 23.06
C TRP A 293 31.43 8.63 23.93
N VAL A 294 31.74 7.46 23.37
CA VAL A 294 32.56 6.39 24.00
C VAL A 294 33.41 5.75 22.91
N PRO A 295 34.58 5.19 23.28
CA PRO A 295 35.36 4.42 22.33
C PRO A 295 34.71 3.08 21.96
N ARG A 296 35.20 2.52 20.87
CA ARG A 296 34.83 1.20 20.34
C ARG A 296 34.85 0.20 21.49
N LEU A 297 35.86 0.25 22.34
CA LEU A 297 36.11 -0.84 23.32
C LEU A 297 35.28 -0.66 24.59
N TYR A 298 34.51 0.43 24.71
CA TYR A 298 33.62 0.67 25.88
C TYR A 298 32.81 -0.59 26.16
N GLN A 299 32.89 -1.11 27.38
CA GLN A 299 32.20 -2.38 27.76
C GLN A 299 30.82 -2.02 28.34
N LEU A 300 29.74 -2.47 27.69
CA LEU A 300 28.35 -2.19 28.14
C LEU A 300 28.00 -3.10 29.34
N ALA A 301 27.12 -2.60 30.22
CA ALA A 301 26.37 -3.43 31.20
C ALA A 301 25.57 -4.48 30.42
N SER A 302 25.80 -5.73 30.77
CA SER A 302 25.09 -6.93 30.27
C SER A 302 23.58 -6.74 30.48
N VAL A 303 22.72 -7.28 29.60
CA VAL A 303 21.23 -7.23 29.72
C VAL A 303 20.70 -8.63 30.02
N MET B 2 16.29 27.37 20.29
CA MET B 2 15.67 27.98 19.13
C MET B 2 15.18 26.97 18.10
N VAL B 3 14.19 27.40 17.34
CA VAL B 3 13.57 26.57 16.29
C VAL B 3 14.55 26.43 15.11
N ASP B 4 14.70 25.21 14.60
CA ASP B 4 15.28 24.92 13.25
C ASP B 4 14.39 23.89 12.56
N LEU B 5 14.65 23.59 11.29
CA LEU B 5 13.84 22.67 10.46
C LEU B 5 14.76 21.58 9.96
N PRO B 6 14.23 20.41 9.62
CA PRO B 6 15.08 19.38 9.03
C PRO B 6 15.57 19.89 7.67
N VAL B 7 16.82 19.62 7.32
CA VAL B 7 17.38 20.01 5.99
C VAL B 7 16.96 18.94 4.98
N ILE B 8 15.76 19.04 4.41
CA ILE B 8 15.23 18.06 3.42
C ILE B 8 14.49 18.88 2.37
N GLN B 9 14.84 18.70 1.11
CA GLN B 9 14.04 19.25 -0.01
C GLN B 9 12.61 18.68 0.06
N PRO B 10 11.56 19.47 -0.21
CA PRO B 10 10.20 18.93 -0.29
C PRO B 10 10.04 17.66 -1.14
N ARG B 11 10.70 17.60 -2.28
CA ARG B 11 10.57 16.46 -3.22
C ARG B 11 11.10 15.15 -2.60
N LEU B 12 11.85 15.23 -1.50
CA LEU B 12 12.41 14.02 -0.82
C LEU B 12 11.61 13.72 0.45
N CYS B 13 10.54 14.47 0.72
CA CYS B 13 9.70 14.33 1.94
C CYS B 13 8.48 13.44 1.67
N THR B 14 7.86 12.97 2.75
CA THR B 14 6.65 12.13 2.80
C THR B 14 5.41 13.03 2.98
N HIS B 15 4.33 12.77 2.27
CA HIS B 15 3.05 13.52 2.42
C HIS B 15 2.40 13.14 3.73
N ALA B 16 1.61 14.05 4.31
CA ALA B 16 1.06 13.86 5.67
C ALA B 16 -0.42 13.43 5.68
N ARG B 17 -1.07 13.28 4.53
CA ARG B 17 -2.51 12.93 4.44
C ARG B 17 -2.76 11.68 3.58
N TRP B 18 -1.83 11.37 2.69
CA TRP B 18 -1.82 10.15 1.84
C TRP B 18 -0.38 9.62 1.75
N PRO B 19 -0.16 8.29 1.92
CA PRO B 19 1.18 7.71 2.00
C PRO B 19 1.92 7.62 0.65
N ALA B 20 2.51 8.73 0.25
CA ALA B 20 3.25 8.85 -1.03
C ALA B 20 4.24 9.99 -0.91
N PRO B 21 5.21 10.10 -1.84
CA PRO B 21 6.09 11.27 -1.91
C PRO B 21 5.31 12.57 -2.09
N VAL B 22 5.89 13.65 -1.56
CA VAL B 22 5.47 15.04 -1.91
C VAL B 22 5.96 15.26 -3.33
N TYR B 23 5.09 15.64 -4.25
CA TYR B 23 5.48 15.90 -5.65
C TYR B 23 5.38 17.40 -6.00
N GLY B 24 4.58 18.18 -5.29
CA GLY B 24 4.26 19.56 -5.73
C GLY B 24 4.28 20.52 -4.56
N LEU B 25 4.61 21.77 -4.82
CA LEU B 25 4.58 22.83 -3.79
C LEU B 25 3.95 24.04 -4.45
N LEU B 26 2.86 24.56 -3.88
CA LEU B 26 2.04 25.58 -4.56
C LEU B 26 1.13 26.33 -3.60
N VAL B 27 0.61 27.44 -4.12
CA VAL B 27 -0.56 28.16 -3.54
C VAL B 27 -1.65 28.17 -4.59
N ASP B 28 -2.91 28.15 -4.16
CA ASP B 28 -4.04 28.20 -5.12
C ASP B 28 -5.20 28.87 -4.41
N PRO B 29 -5.38 30.19 -4.59
CA PRO B 29 -6.50 30.91 -3.99
C PRO B 29 -7.88 30.37 -4.39
N SER B 30 -8.01 29.67 -5.52
CA SER B 30 -9.33 29.18 -6.02
C SER B 30 -9.79 28.01 -5.15
N LEU B 31 -8.94 27.45 -4.31
CA LEU B 31 -9.28 26.29 -3.45
C LEU B 31 -9.79 26.81 -2.12
N PRO B 32 -10.45 25.94 -1.31
CA PRO B 32 -10.86 26.29 0.06
C PRO B 32 -9.70 26.84 0.91
N SER B 33 -9.91 28.02 1.49
CA SER B 33 -8.89 28.88 2.16
C SER B 33 -8.50 28.30 3.51
N ASN B 34 -9.45 27.72 4.23
CA ASN B 34 -9.27 27.29 5.63
C ASN B 34 -9.63 25.81 5.78
N PRO B 35 -8.92 24.88 5.11
CA PRO B 35 -9.35 23.48 5.14
C PRO B 35 -9.29 22.92 6.57
N GLN B 36 -10.16 21.96 6.84
CA GLN B 36 -10.33 21.34 8.18
C GLN B 36 -9.64 19.96 8.18
N TRP B 37 -8.45 19.87 7.59
CA TRP B 37 -7.67 18.60 7.54
C TRP B 37 -7.42 18.10 8.97
N GLN B 38 -7.53 16.79 9.22
CA GLN B 38 -7.36 16.21 10.59
C GLN B 38 -5.99 15.55 10.71
N ASN B 39 -5.41 15.14 9.58
CA ASN B 39 -4.02 14.61 9.53
C ASN B 39 -3.09 15.74 9.08
N GLY B 40 -1.80 15.59 9.39
CA GLY B 40 -0.78 16.61 9.09
C GLY B 40 -0.95 17.87 9.92
N ARG B 41 -1.50 17.75 11.12
CA ARG B 41 -1.81 18.93 11.99
C ARG B 41 -0.93 18.87 13.24
N VAL B 42 -0.02 19.83 13.36
CA VAL B 42 0.83 19.94 14.58
C VAL B 42 1.14 21.40 14.89
N HIS B 43 1.39 21.69 16.16
CA HIS B 43 1.86 23.01 16.63
C HIS B 43 3.39 23.02 16.58
N VAL B 44 4.01 24.16 16.37
CA VAL B 44 5.49 24.25 16.44
C VAL B 44 5.98 23.74 17.80
N ASP B 45 5.17 23.87 18.85
CA ASP B 45 5.57 23.40 20.21
C ASP B 45 5.49 21.88 20.33
N GLY B 46 5.03 21.18 19.31
CA GLY B 46 5.02 19.70 19.29
C GLY B 46 3.67 19.07 19.59
N THR B 47 2.64 19.83 19.91
CA THR B 47 1.28 19.29 20.21
C THR B 47 0.71 18.79 18.89
N LEU B 48 0.45 17.49 18.81
CA LEU B 48 -0.30 16.89 17.66
C LEU B 48 -1.76 17.29 17.76
N LEU B 49 -2.40 17.67 16.65
CA LEU B 49 -3.84 17.99 16.59
C LEU B 49 -4.60 16.91 15.83
N GLY B 50 -5.93 16.85 16.03
CA GLY B 50 -6.81 15.98 15.23
C GLY B 50 -6.36 14.52 15.30
N THR B 51 -6.28 13.83 14.17
CA THR B 51 -5.94 12.37 14.15
C THR B 51 -4.47 12.14 13.77
N THR B 52 -3.69 13.23 13.74
CA THR B 52 -2.31 13.27 13.21
C THR B 52 -1.44 12.26 13.95
N PRO B 53 -0.88 11.27 13.22
CA PRO B 53 0.11 10.36 13.80
C PRO B 53 1.53 10.90 13.66
N ILE B 54 2.45 10.35 14.43
CA ILE B 54 3.88 10.72 14.31
C ILE B 54 4.47 10.02 13.07
N SER B 55 4.10 8.76 12.86
CA SER B 55 4.61 7.89 11.77
C SER B 55 3.80 8.09 10.48
N GLY B 56 4.50 8.36 9.37
CA GLY B 56 3.96 8.39 8.00
C GLY B 56 3.27 7.09 7.62
N SER B 57 3.70 5.94 8.17
CA SER B 57 3.10 4.62 7.82
C SER B 57 1.66 4.56 8.34
N TRP B 58 1.29 5.35 9.33
CA TRP B 58 -0.09 5.33 9.88
C TRP B 58 -1.09 6.10 9.00
N VAL B 59 -0.61 6.94 8.09
CA VAL B 59 -1.47 7.95 7.39
C VAL B 59 -2.43 7.25 6.43
N SER B 60 -3.72 7.51 6.58
CA SER B 60 -4.82 6.96 5.75
C SER B 60 -4.90 5.44 5.93
N CYS B 61 -4.57 4.97 7.12
CA CYS B 61 -4.66 3.53 7.47
C CYS B 61 -5.50 3.38 8.73
N PHE B 62 -5.83 2.14 9.08
CA PHE B 62 -6.45 1.81 10.38
C PHE B 62 -6.17 0.35 10.72
N ALA B 63 -6.26 0.04 12.01
CA ALA B 63 -6.14 -1.33 12.53
C ALA B 63 -7.47 -1.68 13.21
N ALA B 64 -7.79 -2.97 13.29
CA ALA B 64 -9.11 -3.44 13.73
C ALA B 64 -9.04 -4.93 13.99
N GLU B 65 -10.00 -5.39 14.79
CA GLU B 65 -10.50 -6.79 14.77
C GLU B 65 -11.54 -6.85 13.66
N ALA B 66 -11.30 -7.68 12.65
CA ALA B 66 -12.21 -7.88 11.51
C ALA B 66 -13.12 -9.08 11.80
N ALA B 67 -14.41 -8.96 11.48
CA ALA B 67 -15.40 -10.05 11.42
C ALA B 67 -16.06 -10.01 10.05
N TYR B 68 -16.07 -11.15 9.39
CA TYR B 68 -16.48 -11.23 7.98
C TYR B 68 -17.72 -12.10 7.91
N LYS B 69 -18.61 -11.79 7.00
CA LYS B 69 -19.81 -12.61 6.70
C LYS B 69 -20.07 -12.50 5.19
N PHE B 70 -20.68 -13.53 4.62
CA PHE B 70 -21.26 -13.50 3.27
C PHE B 70 -22.74 -13.15 3.38
N GLN B 71 -23.23 -12.30 2.48
CA GLN B 71 -24.65 -11.87 2.41
C GLN B 71 -25.04 -11.86 0.94
N SER B 72 -25.76 -12.91 0.55
CA SER B 72 -26.32 -13.12 -0.81
C SER B 72 -26.78 -11.77 -1.36
N GLY B 73 -26.31 -11.35 -2.53
CA GLY B 73 -26.73 -10.10 -3.19
C GLY B 73 -25.75 -8.94 -3.00
N THR B 74 -25.11 -8.86 -1.81
CA THR B 74 -24.17 -7.78 -1.42
C THR B 74 -22.70 -8.22 -1.64
N GLY B 75 -22.36 -9.42 -1.14
CA GLY B 75 -21.04 -10.06 -1.26
C GLY B 75 -20.45 -10.33 0.11
N GLU B 76 -19.12 -10.34 0.21
CA GLU B 76 -18.41 -10.45 1.52
C GLU B 76 -18.45 -9.09 2.21
N VAL B 77 -18.87 -9.07 3.46
CA VAL B 77 -18.95 -7.86 4.31
C VAL B 77 -17.99 -7.99 5.48
N ALA B 78 -17.14 -6.98 5.66
CA ALA B 78 -16.18 -6.86 6.78
C ALA B 78 -16.71 -5.81 7.77
N THR B 79 -16.82 -6.20 9.03
CA THR B 79 -17.13 -5.29 10.15
C THR B 79 -15.83 -5.13 10.91
N PHE B 80 -15.27 -3.92 10.90
CA PHE B 80 -13.97 -3.61 11.53
C PHE B 80 -14.22 -2.91 12.87
N THR B 81 -13.83 -3.54 13.98
CA THR B 81 -13.83 -2.94 15.34
C THR B 81 -12.45 -2.35 15.55
N LEU B 82 -12.33 -1.02 15.42
CA LEU B 82 -11.04 -0.27 15.34
C LEU B 82 -10.25 -0.42 16.64
N ILE B 83 -8.92 -0.47 16.48
CA ILE B 83 -7.89 -0.33 17.55
C ILE B 83 -6.94 0.76 17.07
N GLU B 84 -6.08 1.28 17.93
CA GLU B 84 -5.01 2.19 17.47
C GLU B 84 -3.98 1.31 16.74
N GLN B 85 -3.23 1.88 15.81
CA GLN B 85 -2.37 1.08 14.92
C GLN B 85 -1.18 0.49 15.70
N ASP B 86 -0.91 0.90 16.94
CA ASP B 86 0.15 0.23 17.74
C ASP B 86 -0.43 -0.98 18.50
N GLY B 87 -1.71 -1.29 18.32
CA GLY B 87 -2.35 -2.47 18.95
C GLY B 87 -3.06 -2.09 20.25
N SER B 88 -2.90 -0.86 20.74
CA SER B 88 -3.59 -0.41 21.97
C SER B 88 -5.07 -0.12 21.68
N ALA B 89 -5.90 -0.18 22.74
CA ALA B 89 -7.36 -0.05 22.68
C ALA B 89 -7.71 1.33 22.10
N TYR B 90 -8.71 1.40 21.20
CA TYR B 90 -9.24 2.71 20.76
C TYR B 90 -10.44 3.06 21.66
N VAL B 91 -10.43 4.28 22.22
CA VAL B 91 -11.48 4.85 23.11
C VAL B 91 -11.97 6.15 22.49
N PRO B 92 -13.29 6.32 22.24
CA PRO B 92 -13.79 7.61 21.78
C PRO B 92 -13.34 8.68 22.77
N GLY B 93 -12.71 9.75 22.28
CA GLY B 93 -12.12 10.84 23.08
C GLY B 93 -12.27 12.19 22.39
N ASP B 94 -11.23 13.02 22.42
CA ASP B 94 -11.25 14.45 21.96
C ASP B 94 -10.70 14.60 20.53
N ARG B 95 -10.83 13.57 19.69
CA ARG B 95 -10.54 13.61 18.24
C ARG B 95 -11.52 12.70 17.50
N ALA B 96 -11.55 12.82 16.19
CA ALA B 96 -12.61 12.27 15.32
C ALA B 96 -12.53 10.76 15.20
N ALA B 97 -11.37 10.15 15.47
CA ALA B 97 -11.10 8.76 15.06
C ALA B 97 -9.74 8.30 15.59
N PRO B 98 -9.35 7.03 15.38
CA PRO B 98 -7.98 6.58 15.65
C PRO B 98 -6.94 7.36 14.87
N LEU B 99 -5.72 7.42 15.39
CA LEU B 99 -4.63 8.18 14.74
C LEU B 99 -4.43 7.63 13.34
N GLY B 100 -4.36 8.54 12.38
CA GLY B 100 -4.06 8.21 10.98
C GLY B 100 -5.27 7.83 10.15
N TYR B 101 -6.47 7.76 10.73
CA TYR B 101 -7.69 7.48 9.96
C TYR B 101 -7.81 8.53 8.85
N PRO B 102 -8.23 8.12 7.64
CA PRO B 102 -8.40 9.05 6.54
C PRO B 102 -9.22 10.26 6.93
N ASP B 103 -8.85 11.44 6.41
CA ASP B 103 -9.55 12.70 6.72
C ASP B 103 -10.13 13.29 5.44
N PHE B 104 -10.47 12.44 4.48
CA PHE B 104 -11.06 12.83 3.18
C PHE B 104 -12.21 11.88 2.85
N SER B 105 -12.90 12.12 1.74
CA SER B 105 -14.10 11.36 1.33
C SER B 105 -13.89 10.66 0.01
N GLY B 106 -14.81 9.75 -0.29
CA GLY B 106 -14.78 8.84 -1.44
C GLY B 106 -14.75 7.40 -0.99
N GLN B 107 -14.62 6.52 -1.98
CA GLN B 107 -14.53 5.06 -1.75
C GLN B 107 -13.06 4.68 -1.83
N LEU B 108 -12.54 4.18 -0.72
CA LEU B 108 -11.16 3.73 -0.55
C LEU B 108 -11.17 2.22 -0.73
N GLU B 109 -10.45 1.73 -1.74
CA GLU B 109 -10.01 0.31 -1.80
C GLU B 109 -8.94 0.10 -0.75
N ILE B 110 -9.12 -0.88 0.10
CA ILE B 110 -8.19 -1.20 1.21
C ILE B 110 -7.72 -2.63 1.03
N GLU B 111 -6.58 -2.92 1.63
CA GLU B 111 -5.97 -4.25 1.62
C GLU B 111 -5.73 -4.67 3.04
N VAL B 112 -6.09 -5.93 3.34
CA VAL B 112 -5.86 -6.51 4.69
C VAL B 112 -5.36 -7.93 4.54
N GLN B 113 -4.46 -8.32 5.43
CA GLN B 113 -4.10 -9.74 5.64
C GLN B 113 -5.42 -10.49 5.88
N THR B 114 -5.67 -11.57 5.16
CA THR B 114 -6.83 -12.46 5.41
C THR B 114 -6.36 -13.91 5.52
N GLU B 115 -7.17 -14.73 6.18
CA GLU B 115 -6.95 -16.18 6.29
C GLU B 115 -8.25 -16.84 5.86
N THR B 116 -8.16 -17.75 4.91
CA THR B 116 -9.30 -18.52 4.34
C THR B 116 -9.09 -20.01 4.63
N THR B 117 -10.17 -20.81 4.62
CA THR B 117 -10.15 -22.30 4.83
C THR B 117 -10.32 -23.06 3.51
N LYS B 118 -10.55 -22.28 2.45
CA LYS B 118 -10.66 -22.78 1.08
C LYS B 118 -9.33 -23.40 0.69
N THR B 119 -9.29 -24.03 -0.49
CA THR B 119 -8.03 -24.65 -0.96
C THR B 119 -7.20 -23.55 -1.63
N GLY B 120 -5.89 -23.72 -1.70
CA GLY B 120 -5.05 -22.70 -2.36
C GLY B 120 -4.31 -21.86 -1.36
N ASP B 121 -4.22 -20.55 -1.59
CA ASP B 121 -3.51 -19.66 -0.64
C ASP B 121 -4.34 -19.58 0.63
N LYS B 122 -3.78 -19.92 1.80
CA LYS B 122 -4.52 -19.90 3.09
C LYS B 122 -4.37 -18.51 3.73
N LEU B 123 -3.15 -18.00 3.94
CA LEU B 123 -2.91 -16.56 4.22
C LEU B 123 -2.70 -15.85 2.88
N LYS B 124 -3.45 -14.79 2.63
CA LYS B 124 -3.31 -13.95 1.41
C LYS B 124 -3.76 -12.53 1.76
N VAL B 125 -3.58 -11.55 0.87
CA VAL B 125 -4.13 -10.18 1.04
C VAL B 125 -5.42 -10.05 0.20
N THR B 126 -6.48 -9.51 0.80
CA THR B 126 -7.80 -9.36 0.16
C THR B 126 -8.11 -7.87 0.05
N THR B 127 -8.52 -7.40 -1.12
CA THR B 127 -9.00 -6.03 -1.34
C THR B 127 -10.48 -5.93 -0.99
N PHE B 128 -10.84 -4.93 -0.19
CA PHE B 128 -12.22 -4.52 0.10
C PHE B 128 -12.44 -3.07 -0.34
N GLU B 129 -13.70 -2.71 -0.56
N GLU B 129 -13.71 -2.73 -0.55
CA GLU B 129 -14.10 -1.32 -0.85
CA GLU B 129 -14.20 -1.37 -0.86
C GLU B 129 -14.78 -0.77 0.40
C GLU B 129 -14.79 -0.78 0.42
N MET B 130 -14.41 0.46 0.76
CA MET B 130 -14.86 1.12 1.99
C MET B 130 -15.25 2.54 1.67
N ILE B 131 -16.47 2.93 2.00
CA ILE B 131 -16.89 4.35 1.88
C ILE B 131 -16.39 5.12 3.11
N LEU B 132 -15.60 6.14 2.86
CA LEU B 132 -15.16 7.11 3.90
C LEU B 132 -16.30 8.09 4.15
N GLY B 133 -16.80 8.66 3.04
CA GLY B 133 -17.97 9.54 2.98
C GLY B 133 -18.34 9.84 1.53
N PRO B 134 -19.43 10.60 1.31
CA PRO B 134 -20.15 11.26 2.40
C PRO B 134 -21.12 10.35 3.16
N THR B 135 -21.84 10.92 4.12
CA THR B 135 -23.00 10.30 4.81
C THR B 135 -24.12 10.01 3.78
N THR B 136 -25.08 9.17 4.17
CA THR B 136 -26.17 8.54 3.37
C THR B 136 -25.65 7.29 2.66
N ASN B 137 -24.49 6.77 3.05
CA ASN B 137 -23.89 5.58 2.37
C ASN B 137 -23.90 4.43 3.36
N ALA B 138 -22.84 4.27 4.13
CA ALA B 138 -22.61 3.04 4.92
C ALA B 138 -22.88 3.24 6.42
N ASP B 139 -23.19 4.46 6.90
CA ASP B 139 -23.36 4.75 8.36
C ASP B 139 -22.06 4.35 9.11
N GLN B 140 -20.93 4.87 8.65
CA GLN B 140 -19.59 4.64 9.27
C GLN B 140 -19.58 5.35 10.62
N ALA B 141 -18.92 4.78 11.63
CA ALA B 141 -18.75 5.47 12.93
C ALA B 141 -17.38 5.17 13.49
N PRO B 142 -16.31 5.57 12.76
CA PRO B 142 -14.95 5.42 13.27
C PRO B 142 -14.77 6.13 14.62
N TYR B 143 -15.46 7.26 14.84
CA TYR B 143 -15.42 7.92 16.16
C TYR B 143 -15.81 6.87 17.23
N GLN B 144 -16.83 6.03 16.98
CA GLN B 144 -17.33 5.01 17.96
C GLN B 144 -16.49 3.72 17.87
N GLY B 145 -15.69 3.55 16.82
CA GLY B 145 -14.77 2.39 16.71
C GLY B 145 -15.35 1.32 15.81
N ARG B 146 -16.19 1.69 14.85
CA ARG B 146 -16.86 0.68 13.98
C ARG B 146 -17.05 1.22 12.56
N VAL B 147 -16.49 0.52 11.58
CA VAL B 147 -16.64 0.83 10.13
C VAL B 147 -16.88 -0.47 9.36
N PHE B 148 -17.42 -0.32 8.15
CA PHE B 148 -17.91 -1.45 7.31
C PHE B 148 -17.24 -1.34 5.96
N ALA B 149 -16.79 -2.46 5.41
CA ALA B 149 -16.36 -2.57 4.01
C ALA B 149 -17.01 -3.79 3.38
N SER B 150 -16.94 -3.91 2.06
CA SER B 150 -17.55 -5.04 1.33
C SER B 150 -16.80 -5.26 0.02
N VAL B 151 -16.97 -6.43 -0.57
CA VAL B 151 -16.52 -6.70 -1.96
C VAL B 151 -17.48 -7.71 -2.60
N THR B 152 -17.74 -7.53 -3.88
CA THR B 152 -18.52 -8.47 -4.74
C THR B 152 -17.90 -9.86 -4.59
N ALA B 153 -18.72 -10.84 -4.29
CA ALA B 153 -18.37 -12.28 -4.38
C ALA B 153 -19.63 -13.08 -4.70
N ALA B 154 -19.49 -14.13 -5.51
CA ALA B 154 -20.59 -15.07 -5.85
C ALA B 154 -20.89 -15.95 -4.63
N ALA B 155 -19.88 -16.22 -3.80
CA ALA B 155 -19.99 -17.15 -2.65
C ALA B 155 -19.10 -16.65 -1.51
N SER B 156 -19.34 -17.15 -0.31
CA SER B 156 -18.54 -16.85 0.90
C SER B 156 -17.04 -17.02 0.61
N LEU B 157 -16.21 -16.08 1.08
CA LEU B 157 -14.74 -16.18 0.85
C LEU B 157 -14.12 -17.06 1.94
N ASP B 158 -14.93 -17.50 2.91
CA ASP B 158 -14.60 -18.38 4.06
C ASP B 158 -13.38 -17.80 4.79
N LEU B 159 -13.50 -16.53 5.19
CA LEU B 159 -12.42 -15.78 5.89
C LEU B 159 -12.58 -16.01 7.39
N VAL B 160 -11.45 -16.18 8.06
CA VAL B 160 -11.35 -16.32 9.54
C VAL B 160 -11.25 -14.91 10.12
N ASP B 161 -12.04 -14.61 11.16
CA ASP B 161 -11.95 -13.37 11.97
C ASP B 161 -10.55 -13.23 12.57
N GLY B 162 -10.02 -12.01 12.70
CA GLY B 162 -8.66 -11.74 13.23
C GLY B 162 -8.28 -10.27 13.11
N ARG B 163 -7.07 -9.93 13.55
CA ARG B 163 -6.55 -8.55 13.61
C ARG B 163 -6.04 -8.17 12.21
N VAL B 164 -6.28 -6.94 11.78
CA VAL B 164 -5.81 -6.43 10.46
C VAL B 164 -5.21 -5.06 10.63
N ARG B 165 -4.42 -4.64 9.64
CA ARG B 165 -4.08 -3.23 9.39
C ARG B 165 -4.42 -2.93 7.95
N ALA B 166 -5.47 -2.16 7.75
CA ALA B 166 -5.96 -1.75 6.44
C ALA B 166 -5.06 -0.66 5.87
N VAL B 167 -4.56 -0.85 4.66
CA VAL B 167 -3.69 0.13 3.95
C VAL B 167 -4.35 0.46 2.62
N PRO B 168 -4.20 1.71 2.12
CA PRO B 168 -4.96 2.15 0.97
C PRO B 168 -4.35 1.69 -0.37
N ARG B 169 -5.20 1.13 -1.22
CA ARG B 169 -4.85 0.73 -2.61
C ARG B 169 -5.19 1.86 -3.59
N SER B 170 -6.40 2.43 -3.51
CA SER B 170 -6.91 3.45 -4.45
C SER B 170 -8.09 4.23 -3.87
N ILE B 171 -8.40 5.34 -4.54
CA ILE B 171 -9.55 6.22 -4.20
C ILE B 171 -10.45 6.37 -5.43
N TYR B 172 -11.75 6.26 -5.19
CA TYR B 172 -12.84 6.44 -6.18
C TYR B 172 -13.78 7.51 -5.63
N GLY B 173 -14.13 8.46 -6.48
CA GLY B 173 -14.98 9.60 -6.10
C GLY B 173 -14.34 10.44 -5.01
N PHE B 174 -13.01 10.62 -5.06
CA PHE B 174 -12.31 11.47 -4.06
C PHE B 174 -13.00 12.83 -3.92
N GLN B 175 -13.10 13.29 -2.70
CA GLN B 175 -13.47 14.70 -2.43
C GLN B 175 -12.76 15.11 -1.16
N ASP B 176 -12.15 16.29 -1.14
CA ASP B 176 -11.37 16.77 0.02
C ASP B 176 -12.32 17.49 0.98
N THR B 177 -13.19 16.73 1.62
CA THR B 177 -14.04 17.15 2.76
C THR B 177 -13.99 16.01 3.78
N ILE B 178 -14.21 16.33 5.03
CA ILE B 178 -14.00 15.32 6.09
C ILE B 178 -15.01 14.21 5.88
N PRO B 179 -14.64 12.99 6.26
CA PRO B 179 -15.47 11.81 6.04
C PRO B 179 -16.56 11.72 7.12
N GLU B 180 -17.36 10.66 7.07
CA GLU B 180 -18.44 10.37 8.04
C GLU B 180 -17.79 9.72 9.25
N TYR B 181 -17.53 10.51 10.27
CA TYR B 181 -16.81 10.08 11.49
C TYR B 181 -17.79 9.39 12.47
N ASN B 182 -19.07 9.76 12.48
CA ASN B 182 -20.00 9.40 13.59
C ASN B 182 -21.44 9.32 13.06
N ASP B 183 -21.66 8.57 11.98
CA ASP B 183 -23.00 8.31 11.38
C ASP B 183 -23.76 9.65 11.19
N GLY B 184 -23.08 10.72 10.75
CA GLY B 184 -23.71 12.03 10.43
C GLY B 184 -23.76 12.97 11.62
N LEU B 185 -23.42 12.47 12.82
CA LEU B 185 -23.40 13.28 14.06
C LEU B 185 -22.06 14.02 14.16
N LEU B 186 -21.98 14.94 15.11
CA LEU B 186 -20.79 15.76 15.42
C LEU B 186 -19.72 14.90 16.08
N VAL B 187 -18.45 15.31 15.90
CA VAL B 187 -17.28 14.73 16.61
C VAL B 187 -16.34 15.89 16.94
N PRO B 188 -15.46 15.71 17.92
CA PRO B 188 -14.39 16.68 18.17
C PRO B 188 -13.44 16.74 16.97
N LEU B 189 -13.09 17.93 16.52
CA LEU B 189 -12.28 18.15 15.28
C LEU B 189 -11.16 19.14 15.60
N ALA B 190 -9.97 18.96 15.05
CA ALA B 190 -9.00 20.06 14.91
C ALA B 190 -9.67 21.19 14.13
N PRO B 191 -9.48 22.46 14.55
CA PRO B 191 -10.18 23.58 13.91
C PRO B 191 -9.72 23.81 12.48
N PRO B 192 -10.45 24.61 11.69
CA PRO B 192 -10.01 24.96 10.34
C PRO B 192 -8.60 25.55 10.39
N ILE B 193 -7.82 25.31 9.34
CA ILE B 193 -6.47 25.95 9.21
C ILE B 193 -6.68 27.46 9.04
N GLY B 194 -5.92 28.25 9.78
CA GLY B 194 -5.99 29.72 9.78
C GLY B 194 -5.93 30.26 11.20
N PRO B 195 -6.08 31.59 11.38
CA PRO B 195 -6.41 32.51 10.29
C PRO B 195 -5.22 33.06 9.48
N PHE B 196 -5.53 33.72 8.36
CA PHE B 196 -4.55 34.39 7.46
C PHE B 196 -4.79 35.90 7.56
N LEU B 197 -3.73 36.72 7.54
CA LEU B 197 -3.90 38.17 7.31
C LEU B 197 -4.51 38.32 5.93
N PRO B 198 -5.19 39.44 5.66
CA PRO B 198 -5.55 39.80 4.29
C PRO B 198 -4.34 39.77 3.34
N GLY B 199 -4.46 39.06 2.21
CA GLY B 199 -3.37 38.88 1.22
C GLY B 199 -2.60 37.58 1.38
N GLU B 200 -2.70 36.91 2.53
CA GLU B 200 -1.96 35.67 2.87
C GLU B 200 -2.80 34.47 2.40
N VAL B 201 -2.12 33.45 1.86
CA VAL B 201 -2.72 32.19 1.36
C VAL B 201 -1.86 31.02 1.83
N LEU B 202 -2.52 29.86 1.98
CA LEU B 202 -1.96 28.59 2.48
C LEU B 202 -0.96 28.03 1.46
N LEU B 203 0.22 27.69 1.94
CA LEU B 203 1.19 26.88 1.16
C LEU B 203 0.72 25.42 1.23
N ARG B 204 0.69 24.77 0.09
CA ARG B 204 0.18 23.39 -0.07
C ARG B 204 1.33 22.49 -0.50
N PHE B 205 1.54 21.42 0.25
CA PHE B 205 2.39 20.27 -0.17
C PHE B 205 1.44 19.24 -0.80
N ARG B 206 1.67 18.95 -2.08
CA ARG B 206 0.74 18.16 -2.93
C ARG B 206 1.33 16.77 -3.24
N THR B 207 0.50 15.74 -3.16
CA THR B 207 0.81 14.43 -3.76
C THR B 207 -0.38 14.05 -4.63
N TYR B 208 -0.28 12.91 -5.31
CA TYR B 208 -1.29 12.38 -6.23
C TYR B 208 -1.66 10.97 -5.76
N MET B 209 -2.93 10.63 -5.84
CA MET B 209 -3.50 9.37 -5.30
C MET B 209 -3.75 8.36 -6.41
N ARG B 210 -3.29 7.14 -6.23
CA ARG B 210 -3.75 5.98 -7.03
C ARG B 210 -5.28 6.05 -7.08
N GLN B 211 -5.87 6.07 -8.27
CA GLN B 211 -7.32 6.37 -8.40
C GLN B 211 -8.02 5.39 -9.33
N ILE B 212 -9.32 5.26 -9.16
CA ILE B 212 -10.22 4.63 -10.16
C ILE B 212 -11.03 5.77 -10.81
N ASP B 213 -10.86 6.02 -12.12
CA ASP B 213 -11.55 7.15 -12.83
C ASP B 213 -11.79 6.80 -14.30
N THR B 214 -12.29 7.77 -15.08
CA THR B 214 -12.47 7.69 -16.57
C THR B 214 -11.12 8.01 -17.25
N ALA B 215 -10.95 7.59 -18.51
CA ALA B 215 -9.68 7.64 -19.29
C ALA B 215 -8.99 9.01 -19.09
N ASP B 216 -9.72 10.10 -19.27
CA ASP B 216 -9.15 11.46 -19.41
C ASP B 216 -9.27 12.22 -18.09
N ALA B 217 -9.14 11.53 -16.93
CA ALA B 217 -9.03 12.22 -15.62
C ALA B 217 -7.59 12.73 -15.43
N ALA B 218 -7.49 13.92 -14.82
CA ALA B 218 -6.24 14.44 -14.25
C ALA B 218 -5.79 13.51 -13.13
N ALA B 219 -4.51 13.58 -12.80
CA ALA B 219 -3.97 13.05 -11.53
C ALA B 219 -4.86 13.59 -10.40
N GLU B 220 -5.10 12.76 -9.39
CA GLU B 220 -5.95 13.11 -8.26
C GLU B 220 -5.07 13.71 -7.16
N ALA B 221 -5.11 15.04 -7.06
CA ALA B 221 -4.28 15.88 -6.17
C ALA B 221 -4.86 15.84 -4.74
N ILE B 222 -3.97 15.72 -3.75
CA ILE B 222 -4.30 15.94 -2.32
C ILE B 222 -3.19 16.76 -1.68
N ASP B 223 -3.60 17.75 -0.88
CA ASP B 223 -2.72 18.80 -0.30
C ASP B 223 -2.57 18.58 1.20
N CYS B 224 -1.44 18.98 1.76
CA CYS B 224 -1.28 19.04 3.23
C CYS B 224 -0.47 20.29 3.61
N ALA B 225 -0.56 20.67 4.88
CA ALA B 225 -0.01 21.94 5.43
C ALA B 225 1.50 21.82 5.61
N LEU B 226 1.97 20.63 5.98
CA LEU B 226 3.38 20.31 6.29
C LEU B 226 3.68 18.88 5.85
N PRO B 227 4.89 18.59 5.34
CA PRO B 227 5.29 17.20 5.12
C PRO B 227 5.44 16.47 6.44
N GLN B 228 5.27 15.16 6.40
CA GLN B 228 5.26 14.31 7.61
C GLN B 228 6.57 14.50 8.37
N GLU B 229 7.71 14.76 7.72
CA GLU B 229 9.03 14.91 8.39
C GLU B 229 9.02 16.17 9.27
N PHE B 230 8.24 17.19 8.88
CA PHE B 230 8.04 18.40 9.70
C PHE B 230 7.16 18.08 10.89
N VAL B 231 6.09 17.30 10.65
CA VAL B 231 5.18 16.88 11.75
C VAL B 231 6.00 16.16 12.83
N SER B 232 6.75 15.11 12.51
CA SER B 232 7.50 14.34 13.53
C SER B 232 8.62 15.19 14.16
N TRP B 233 9.30 16.02 13.36
CA TRP B 233 10.31 17.00 13.83
C TRP B 233 9.78 17.87 14.96
N PHE B 234 8.60 18.48 14.82
CA PHE B 234 8.03 19.35 15.88
C PHE B 234 7.63 18.46 17.07
N ALA B 235 7.01 17.33 16.84
CA ALA B 235 6.54 16.39 17.90
C ALA B 235 7.73 15.81 18.65
N SER B 236 8.89 15.64 18.02
CA SER B 236 10.05 14.95 18.63
C SER B 236 10.98 15.95 19.30
N ASN B 237 10.81 17.24 19.00
CA ASN B 237 11.50 18.40 19.62
C ASN B 237 10.58 19.07 20.66
N ALA B 238 11.13 19.93 21.49
CA ALA B 238 10.35 20.51 22.60
C ALA B 238 10.45 22.02 22.48
N PHE B 239 10.14 22.54 21.30
CA PHE B 239 10.52 23.93 20.96
C PHE B 239 9.67 24.90 21.78
N THR B 240 10.33 25.94 22.27
CA THR B 240 9.68 27.06 22.99
C THR B 240 9.16 28.06 21.95
N VAL B 241 7.89 28.40 22.04
CA VAL B 241 7.20 29.34 21.10
C VAL B 241 7.32 30.75 21.66
N GLN B 242 7.83 31.70 20.89
CA GLN B 242 8.18 33.08 21.37
C GLN B 242 7.19 34.11 20.83
N SER B 243 6.55 33.84 19.69
CA SER B 243 5.57 34.76 19.06
C SER B 243 4.72 33.97 18.10
N GLU B 244 3.89 34.64 17.30
CA GLU B 244 2.79 34.00 16.55
C GLU B 244 3.33 33.18 15.38
N ALA B 245 4.44 33.58 14.77
CA ALA B 245 4.92 32.98 13.51
C ALA B 245 6.45 32.96 13.44
N LEU B 246 6.96 32.06 12.62
CA LEU B 246 8.38 32.02 12.22
C LEU B 246 8.50 32.53 10.79
N LEU B 247 9.38 33.50 10.55
CA LEU B 247 9.76 33.89 9.16
C LEU B 247 10.65 32.78 8.59
N LEU B 248 10.25 32.18 7.47
CA LEU B 248 11.09 31.21 6.72
C LEU B 248 11.47 31.79 5.36
N ARG B 249 12.62 31.37 4.86
CA ARG B 249 13.05 31.59 3.47
C ARG B 249 13.21 30.25 2.80
N TYR B 250 12.61 30.14 1.63
CA TYR B 250 12.71 28.97 0.75
C TYR B 250 13.77 29.36 -0.29
N ARG B 251 14.92 28.70 -0.27
CA ARG B 251 16.08 29.02 -1.14
C ARG B 251 16.44 27.87 -2.09
N ASN B 252 16.84 28.23 -3.29
CA ASN B 252 17.58 27.36 -4.24
C ASN B 252 18.85 26.85 -3.52
N THR B 253 18.96 25.53 -3.36
CA THR B 253 20.04 24.83 -2.60
C THR B 253 21.40 25.20 -3.23
N LEU B 254 21.44 25.32 -4.55
CA LEU B 254 22.68 25.45 -5.35
C LEU B 254 23.13 26.91 -5.46
N THR B 255 22.27 27.79 -6.00
CA THR B 255 22.58 29.22 -6.34
C THR B 255 22.46 30.13 -5.10
N GLY B 256 21.80 29.66 -4.03
CA GLY B 256 21.49 30.49 -2.86
C GLY B 256 20.34 31.47 -3.11
N GLN B 257 19.73 31.46 -4.29
CA GLN B 257 18.65 32.42 -4.66
C GLN B 257 17.38 32.21 -3.80
N LEU B 258 16.84 33.29 -3.26
CA LEU B 258 15.54 33.31 -2.54
C LEU B 258 14.44 33.00 -3.56
N LEU B 259 13.55 32.04 -3.29
CA LEU B 259 12.36 31.81 -4.15
C LEU B 259 11.14 32.52 -3.54
N PHE B 260 10.97 32.46 -2.22
CA PHE B 260 9.94 33.26 -1.52
C PHE B 260 10.20 33.24 -0.02
N GLU B 261 9.57 34.17 0.69
CA GLU B 261 9.58 34.16 2.16
C GLU B 261 8.13 33.86 2.55
N CYS B 262 7.98 33.27 3.73
CA CYS B 262 6.66 32.82 4.23
C CYS B 262 6.68 32.84 5.75
N LYS B 263 5.50 32.79 6.35
CA LYS B 263 5.29 32.66 7.81
C LYS B 263 4.81 31.24 8.15
N LEU B 264 5.59 30.52 8.96
CA LEU B 264 5.13 29.30 9.62
C LEU B 264 4.42 29.77 10.88
N TYR B 265 3.09 29.76 10.88
CA TYR B 265 2.30 30.11 12.08
C TYR B 265 2.53 28.99 13.10
N ASN B 266 2.59 29.34 14.38
CA ASN B 266 2.97 28.36 15.43
C ASN B 266 1.89 27.28 15.52
N GLU B 267 0.72 27.49 14.92
CA GLU B 267 -0.41 26.53 14.93
C GLU B 267 -0.25 25.56 13.74
N GLY B 268 0.85 25.63 12.98
CA GLY B 268 1.30 24.52 12.13
C GLY B 268 0.91 24.66 10.68
N TYR B 269 0.73 25.88 10.17
CA TYR B 269 0.51 26.09 8.73
C TYR B 269 1.37 27.26 8.22
N ILE B 270 1.63 27.25 6.91
CA ILE B 270 2.49 28.27 6.25
C ILE B 270 1.66 29.16 5.33
N ALA B 271 1.88 30.46 5.46
CA ALA B 271 1.26 31.53 4.66
C ALA B 271 2.32 32.17 3.76
N LEU B 272 1.97 32.41 2.49
CA LEU B 272 2.63 33.39 1.57
C LEU B 272 1.65 34.53 1.28
N SER B 273 2.20 35.70 0.98
CA SER B 273 1.48 36.86 0.43
C SER B 273 1.44 36.69 -1.09
N TYR B 274 0.26 36.38 -1.63
CA TYR B 274 -0.01 36.17 -3.08
C TYR B 274 -1.39 36.74 -3.40
N SER B 275 -1.45 37.57 -4.44
CA SER B 275 -2.71 38.28 -4.84
C SER B 275 -3.20 37.79 -6.22
N GLY B 276 -2.49 36.89 -6.91
CA GLY B 276 -3.02 36.24 -8.12
C GLY B 276 -4.30 35.50 -7.79
N SER B 277 -5.08 35.06 -8.78
CA SER B 277 -6.39 34.40 -8.56
C SER B 277 -6.27 32.90 -8.86
N GLY B 278 -5.25 32.52 -9.65
CA GLY B 278 -5.00 31.14 -10.11
C GLY B 278 -3.82 30.52 -9.37
N PRO B 279 -3.51 29.22 -9.61
CA PRO B 279 -2.43 28.55 -8.89
C PRO B 279 -1.06 29.07 -9.33
N LEU B 280 -0.12 29.06 -8.41
CA LEU B 280 1.32 29.36 -8.61
C LEU B 280 2.12 28.22 -7.98
N THR B 281 2.86 27.49 -8.81
CA THR B 281 3.71 26.34 -8.41
C THR B 281 5.12 26.84 -8.14
N PHE B 282 5.84 26.15 -7.27
CA PHE B 282 7.25 26.44 -6.90
C PHE B 282 8.10 25.21 -7.15
N PRO B 283 9.41 25.39 -7.40
CA PRO B 283 10.34 24.27 -7.48
C PRO B 283 10.27 23.53 -6.13
N THR B 284 10.44 22.22 -6.16
CA THR B 284 10.34 21.31 -4.98
C THR B 284 11.72 20.93 -4.48
N ASP B 285 12.79 21.48 -5.08
CA ASP B 285 14.20 21.15 -4.76
C ASP B 285 14.85 22.24 -3.91
N GLY B 286 14.06 23.17 -3.34
CA GLY B 286 14.61 24.20 -2.44
C GLY B 286 14.72 23.68 -1.01
N ILE B 287 15.23 24.51 -0.09
CA ILE B 287 15.37 24.25 1.37
C ILE B 287 14.70 25.39 2.15
N PHE B 288 13.89 25.04 3.15
CA PHE B 288 13.27 26.02 4.08
C PHE B 288 14.30 26.29 5.17
N GLU B 289 14.59 27.57 5.44
CA GLU B 289 15.45 28.02 6.55
C GLU B 289 14.63 28.93 7.45
N VAL B 290 14.80 28.74 8.76
CA VAL B 290 14.28 29.65 9.79
C VAL B 290 15.12 30.93 9.81
N VAL B 291 14.49 32.09 9.60
CA VAL B 291 15.15 33.42 9.75
C VAL B 291 15.00 33.86 11.21
N SER B 292 13.76 34.02 11.73
CA SER B 292 13.44 34.46 13.12
C SER B 292 11.95 34.25 13.46
N TRP B 293 11.62 34.36 14.74
CA TRP B 293 10.27 34.66 15.27
C TRP B 293 9.82 36.04 14.81
N VAL B 294 8.60 36.17 14.30
CA VAL B 294 7.98 37.47 13.95
C VAL B 294 6.59 37.53 14.56
N PRO B 295 6.09 38.77 14.76
CA PRO B 295 4.72 38.94 15.23
C PRO B 295 3.67 38.54 14.20
N ARG B 296 2.46 38.29 14.69
CA ARG B 296 1.26 37.99 13.88
C ARG B 296 1.18 38.91 12.65
N LEU B 297 1.46 40.20 12.82
CA LEU B 297 1.16 41.25 11.78
C LEU B 297 2.35 41.44 10.85
N TYR B 298 3.38 40.59 10.93
CA TYR B 298 4.53 40.69 9.99
C TYR B 298 4.02 40.66 8.54
N GLN B 299 4.48 41.58 7.70
CA GLN B 299 4.06 41.74 6.28
C GLN B 299 5.05 41.04 5.36
N LEU B 300 4.67 39.94 4.74
CA LEU B 300 5.53 39.22 3.78
C LEU B 300 5.60 39.98 2.47
N ALA B 301 6.77 39.95 1.84
CA ALA B 301 7.03 40.29 0.44
C ALA B 301 6.19 39.38 -0.44
N SER B 302 5.48 40.01 -1.38
CA SER B 302 4.57 39.37 -2.35
C SER B 302 5.34 38.42 -3.29
N VAL B 303 4.72 37.34 -3.76
CA VAL B 303 5.43 36.32 -4.58
C VAL B 303 4.95 36.39 -6.03
N GLN C 1 12.99 -19.31 -23.30
CA GLN C 1 12.10 -20.52 -23.24
C GLN C 1 12.38 -21.32 -21.96
N VAL C 2 11.36 -21.90 -21.34
CA VAL C 2 11.54 -22.70 -20.10
C VAL C 2 11.89 -24.13 -20.51
N GLN C 3 13.00 -24.66 -20.01
CA GLN C 3 13.41 -26.06 -20.27
C GLN C 3 13.49 -26.73 -18.89
N LEU C 4 13.10 -28.00 -18.81
CA LEU C 4 13.27 -28.83 -17.58
C LEU C 4 14.13 -30.04 -17.95
N GLN C 5 15.32 -30.13 -17.40
CA GLN C 5 16.27 -31.25 -17.65
C GLN C 5 16.21 -32.23 -16.46
N GLU C 6 15.86 -33.49 -16.71
CA GLU C 6 15.75 -34.53 -15.65
C GLU C 6 17.04 -35.37 -15.62
N SER C 7 17.37 -35.94 -14.46
CA SER C 7 18.44 -36.94 -14.27
C SER C 7 17.89 -38.04 -13.39
N GLY C 8 18.49 -39.23 -13.47
CA GLY C 8 18.50 -40.21 -12.39
C GLY C 8 17.52 -41.37 -12.56
N GLY C 9 17.00 -41.62 -13.75
CA GLY C 9 16.06 -42.76 -13.91
C GLY C 9 16.73 -44.15 -13.95
N GLY C 10 16.06 -45.12 -14.59
CA GLY C 10 16.65 -46.43 -14.91
C GLY C 10 16.03 -47.57 -14.14
N LEU C 11 16.82 -48.61 -13.95
CA LEU C 11 16.34 -49.95 -13.52
C LEU C 11 16.63 -50.10 -12.02
N VAL C 12 15.66 -50.61 -11.26
CA VAL C 12 15.90 -50.89 -9.81
C VAL C 12 15.03 -52.08 -9.39
N GLN C 13 15.49 -52.80 -8.37
CA GLN C 13 14.74 -53.96 -7.81
C GLN C 13 13.59 -53.44 -6.94
N ALA C 14 12.49 -54.20 -6.92
CA ALA C 14 11.36 -54.11 -5.96
C ALA C 14 11.91 -53.87 -4.55
N GLY C 15 11.43 -52.81 -3.90
CA GLY C 15 11.78 -52.43 -2.51
C GLY C 15 12.98 -51.50 -2.45
N GLY C 16 13.59 -51.15 -3.58
CA GLY C 16 14.79 -50.27 -3.57
C GLY C 16 14.44 -48.80 -3.75
N SER C 17 15.49 -47.96 -3.83
CA SER C 17 15.46 -46.48 -3.93
C SER C 17 16.05 -45.92 -5.25
N LEU C 18 15.47 -44.85 -5.77
CA LEU C 18 16.03 -43.96 -6.83
C LEU C 18 15.81 -42.50 -6.42
N ARG C 19 16.67 -41.59 -6.89
CA ARG C 19 16.51 -40.12 -6.72
C ARG C 19 16.44 -39.48 -8.12
N LEU C 20 15.29 -38.97 -8.50
CA LEU C 20 15.18 -38.13 -9.72
C LEU C 20 15.52 -36.70 -9.36
N SER C 21 16.07 -35.93 -10.29
CA SER C 21 16.30 -34.48 -10.10
C SER C 21 15.87 -33.79 -11.37
N CYS C 22 15.50 -32.52 -11.22
CA CYS C 22 14.99 -31.69 -12.32
C CYS C 22 15.50 -30.27 -12.18
N ALA C 23 16.15 -29.74 -13.22
CA ALA C 23 16.74 -28.38 -13.21
C ALA C 23 15.97 -27.55 -14.24
N LYS C 24 15.28 -26.50 -13.76
CA LYS C 24 14.65 -25.47 -14.61
C LYS C 24 15.73 -24.51 -15.11
N SER C 25 15.73 -24.23 -16.40
CA SER C 25 16.58 -23.21 -17.03
C SER C 25 15.66 -22.35 -17.89
N GLY C 26 16.10 -21.13 -18.21
CA GLY C 26 15.35 -20.12 -18.99
C GLY C 26 14.67 -19.13 -18.06
N ARG C 27 14.44 -17.92 -18.55
CA ARG C 27 13.87 -16.81 -17.74
C ARG C 27 12.38 -17.08 -17.49
N THR C 28 11.97 -17.01 -16.23
CA THR C 28 10.56 -17.07 -15.78
C THR C 28 10.20 -15.74 -15.11
N PHE C 29 8.93 -15.35 -15.09
CA PHE C 29 8.54 -13.96 -14.75
C PHE C 29 7.75 -13.90 -13.44
N ARG C 30 7.57 -15.01 -12.75
CA ARG C 30 7.00 -15.05 -11.39
C ARG C 30 7.15 -16.45 -10.83
N ALA C 31 6.67 -16.67 -9.64
CA ALA C 31 6.87 -17.93 -8.88
C ALA C 31 6.25 -19.09 -9.66
N TYR C 32 6.84 -20.29 -9.56
CA TYR C 32 6.46 -21.53 -10.27
C TYR C 32 6.71 -22.74 -9.37
N ALA C 33 5.71 -23.60 -9.33
CA ALA C 33 5.75 -24.94 -8.72
C ALA C 33 6.58 -25.85 -9.62
N MET C 34 7.25 -26.82 -9.00
CA MET C 34 7.92 -27.93 -9.70
C MET C 34 7.25 -29.23 -9.25
N GLY C 35 7.02 -30.09 -10.24
CA GLY C 35 6.22 -31.31 -10.08
C GLY C 35 6.74 -32.45 -10.93
N TRP C 36 6.27 -33.62 -10.56
CA TRP C 36 6.56 -34.90 -11.23
C TRP C 36 5.22 -35.50 -11.62
N PHE C 37 5.04 -35.78 -12.91
CA PHE C 37 3.97 -36.69 -13.40
C PHE C 37 4.63 -38.00 -13.87
N ARG C 38 3.82 -39.02 -14.14
CA ARG C 38 4.28 -40.31 -14.73
C ARG C 38 3.20 -40.91 -15.66
N GLN C 39 3.63 -41.67 -16.67
CA GLN C 39 2.75 -42.32 -17.68
C GLN C 39 3.27 -43.75 -17.85
N ALA C 40 2.53 -44.76 -17.36
CA ALA C 40 2.75 -46.20 -17.69
C ALA C 40 2.19 -46.46 -19.09
N PRO C 41 2.68 -47.51 -19.80
CA PRO C 41 2.15 -47.83 -21.12
C PRO C 41 0.63 -48.07 -21.08
N GLY C 42 -0.11 -47.47 -22.01
CA GLY C 42 -1.58 -47.64 -22.16
C GLY C 42 -2.41 -46.73 -21.27
N LYS C 43 -1.78 -45.96 -20.37
CA LYS C 43 -2.46 -45.14 -19.33
C LYS C 43 -2.22 -43.66 -19.60
N GLU C 44 -2.97 -42.82 -18.89
CA GLU C 44 -2.86 -41.34 -18.99
C GLU C 44 -1.73 -40.87 -18.07
N ARG C 45 -1.19 -39.69 -18.38
CA ARG C 45 -0.26 -38.90 -17.54
C ARG C 45 -0.93 -38.61 -16.19
N GLU C 46 -0.41 -39.19 -15.10
CA GLU C 46 -0.98 -38.98 -13.74
C GLU C 46 0.04 -38.25 -12.81
N PHE C 47 -0.49 -37.49 -11.85
CA PHE C 47 0.23 -36.66 -10.88
C PHE C 47 0.98 -37.56 -9.90
N VAL C 48 2.23 -37.22 -9.54
CA VAL C 48 3.03 -37.92 -8.50
C VAL C 48 3.28 -37.00 -7.30
N ALA C 49 3.90 -35.84 -7.51
CA ALA C 49 4.26 -34.92 -6.40
C ALA C 49 4.59 -33.53 -6.94
N ALA C 50 4.54 -32.51 -6.08
CA ALA C 50 4.80 -31.11 -6.46
C ALA C 50 5.14 -30.31 -5.20
N ILE C 51 5.91 -29.25 -5.41
CA ILE C 51 6.46 -28.38 -4.35
C ILE C 51 6.38 -26.96 -4.89
N ASP C 52 5.85 -26.05 -4.08
CA ASP C 52 5.69 -24.63 -4.47
C ASP C 52 7.07 -23.98 -4.54
N TRP C 53 7.12 -22.80 -5.14
CA TRP C 53 8.34 -21.98 -5.29
C TRP C 53 8.98 -21.73 -3.92
N SER C 54 8.18 -21.52 -2.85
CA SER C 54 8.74 -21.17 -1.51
C SER C 54 9.30 -22.43 -0.84
N ALA C 55 8.98 -23.62 -1.37
CA ALA C 55 9.50 -24.93 -0.90
C ALA C 55 8.90 -25.29 0.47
N ALA C 56 7.76 -24.70 0.81
CA ALA C 56 7.08 -24.91 2.12
C ALA C 56 5.80 -25.73 1.92
N ILE C 57 5.31 -25.89 0.69
CA ILE C 57 4.06 -26.66 0.38
C ILE C 57 4.42 -27.85 -0.53
N THR C 58 4.00 -29.06 -0.16
CA THR C 58 4.11 -30.32 -0.94
C THR C 58 2.71 -30.94 -1.13
N ASN C 59 2.36 -31.41 -2.32
CA ASN C 59 1.21 -32.34 -2.53
C ASN C 59 1.76 -33.67 -3.05
N TYR C 60 1.15 -34.78 -2.66
CA TYR C 60 1.50 -36.14 -3.15
C TYR C 60 0.25 -36.87 -3.65
N ALA C 61 0.35 -37.63 -4.74
CA ALA C 61 -0.63 -38.68 -5.12
C ALA C 61 -0.77 -39.63 -3.93
N ASP C 62 -1.99 -40.07 -3.62
CA ASP C 62 -2.27 -41.02 -2.50
C ASP C 62 -1.37 -42.26 -2.58
N SER C 63 -1.21 -42.86 -3.77
CA SER C 63 -0.42 -44.12 -4.00
C SER C 63 1.07 -43.97 -3.64
N VAL C 64 1.62 -42.77 -3.39
CA VAL C 64 3.08 -42.61 -3.09
C VAL C 64 3.32 -42.00 -1.71
N LYS C 65 2.29 -41.55 -0.99
CA LYS C 65 2.48 -40.90 0.34
C LYS C 65 3.22 -41.86 1.27
N GLY C 66 4.23 -41.36 2.01
CA GLY C 66 5.05 -42.21 2.90
C GLY C 66 6.24 -42.86 2.19
N ARG C 67 6.26 -42.90 0.85
CA ARG C 67 7.35 -43.59 0.09
C ARG C 67 8.24 -42.55 -0.60
N PHE C 68 7.61 -41.56 -1.24
CA PHE C 68 8.27 -40.49 -2.02
C PHE C 68 8.30 -39.21 -1.22
N THR C 69 9.39 -38.46 -1.36
CA THR C 69 9.59 -37.12 -0.78
C THR C 69 10.05 -36.20 -1.91
N ILE C 70 9.37 -35.06 -2.10
CA ILE C 70 9.85 -34.01 -3.06
C ILE C 70 10.60 -32.96 -2.23
N LEU C 71 11.77 -32.50 -2.69
CA LEU C 71 12.64 -31.51 -2.01
C LEU C 71 12.99 -30.38 -2.99
N ARG C 72 13.26 -29.19 -2.46
CA ARG C 72 13.56 -27.99 -3.27
C ARG C 72 14.08 -26.93 -2.32
N ASP C 73 15.01 -26.09 -2.78
CA ASP C 73 15.49 -24.90 -2.03
C ASP C 73 14.58 -23.73 -2.39
N LYS C 74 14.20 -22.96 -1.37
CA LYS C 74 13.36 -21.73 -1.48
C LYS C 74 13.78 -20.92 -2.71
N GLY C 75 12.86 -20.80 -3.68
CA GLY C 75 12.97 -19.89 -4.84
C GLY C 75 13.86 -20.41 -5.95
N MET C 76 14.44 -21.60 -5.76
CA MET C 76 15.53 -22.12 -6.63
C MET C 76 14.95 -23.08 -7.68
N ASN C 77 15.79 -23.54 -8.61
CA ASN C 77 15.37 -24.07 -9.94
C ASN C 77 15.55 -25.60 -10.00
N THR C 78 15.88 -26.27 -8.90
CA THR C 78 16.17 -27.71 -8.85
C THR C 78 15.21 -28.38 -7.87
N ALA C 79 14.49 -29.39 -8.33
CA ALA C 79 13.63 -30.24 -7.48
C ALA C 79 14.17 -31.67 -7.50
N TYR C 80 14.01 -32.38 -6.39
CA TYR C 80 14.46 -33.77 -6.21
C TYR C 80 13.25 -34.61 -5.79
N LEU C 81 13.08 -35.78 -6.38
CA LEU C 81 12.10 -36.81 -5.94
C LEU C 81 12.87 -38.01 -5.36
N GLN C 82 12.89 -38.15 -4.04
CA GLN C 82 13.46 -39.34 -3.35
C GLN C 82 12.38 -40.43 -3.38
N MET C 83 12.57 -41.49 -4.17
CA MET C 83 11.57 -42.57 -4.32
C MET C 83 12.07 -43.83 -3.58
N ASN C 84 11.44 -44.20 -2.44
CA ASN C 84 11.76 -45.38 -1.60
C ASN C 84 10.64 -46.44 -1.73
N SER C 85 10.96 -47.71 -1.42
CA SER C 85 9.98 -48.83 -1.41
C SER C 85 9.26 -48.92 -2.76
N LEU C 86 10.04 -48.84 -3.83
CA LEU C 86 9.50 -48.85 -5.22
C LEU C 86 8.91 -50.23 -5.50
N GLU C 87 7.88 -50.30 -6.34
CA GLU C 87 7.18 -51.55 -6.69
C GLU C 87 6.93 -51.55 -8.20
N PRO C 88 6.71 -52.74 -8.82
CA PRO C 88 6.38 -52.83 -10.23
C PRO C 88 5.31 -51.84 -10.73
N GLU C 89 4.30 -51.56 -9.90
CA GLU C 89 3.18 -50.62 -10.28
C GLU C 89 3.76 -49.20 -10.48
N ASP C 90 5.01 -48.94 -10.05
CA ASP C 90 5.70 -47.61 -10.12
C ASP C 90 6.43 -47.42 -11.46
N THR C 91 6.48 -48.45 -12.30
CA THR C 91 7.17 -48.45 -13.62
C THR C 91 6.43 -47.47 -14.54
N ALA C 92 7.16 -46.50 -15.09
CA ALA C 92 6.61 -45.43 -15.98
C ALA C 92 7.74 -44.52 -16.46
N VAL C 93 7.42 -43.70 -17.45
CA VAL C 93 8.22 -42.48 -17.78
C VAL C 93 7.80 -41.39 -16.77
N TYR C 94 8.75 -40.87 -16.00
CA TYR C 94 8.58 -39.76 -15.02
C TYR C 94 8.97 -38.43 -15.69
N TYR C 95 8.01 -37.50 -15.70
CA TYR C 95 8.11 -36.16 -16.32
C TYR C 95 8.22 -35.14 -15.19
N CYS C 96 9.26 -34.33 -15.25
CA CYS C 96 9.36 -33.02 -14.57
C CYS C 96 8.44 -32.03 -15.29
N ALA C 97 7.68 -31.26 -14.52
CA ALA C 97 6.85 -30.14 -15.04
C ALA C 97 6.92 -28.96 -14.07
N ALA C 98 6.61 -27.78 -14.58
CA ALA C 98 6.63 -26.51 -13.84
C ALA C 98 5.44 -25.68 -14.32
N THR C 99 4.93 -24.81 -13.47
CA THR C 99 3.76 -23.99 -13.79
C THR C 99 3.76 -22.81 -12.84
N TYR C 100 3.47 -21.62 -13.37
CA TYR C 100 3.27 -20.39 -12.57
C TYR C 100 2.20 -20.64 -11.53
N SER C 101 2.54 -20.42 -10.26
CA SER C 101 1.69 -20.73 -9.09
C SER C 101 2.41 -20.26 -7.81
N THR C 102 1.66 -19.92 -6.78
CA THR C 102 2.14 -19.69 -5.39
C THR C 102 1.75 -20.88 -4.51
N ILE C 103 1.24 -21.95 -5.12
CA ILE C 103 0.97 -23.25 -4.43
C ILE C 103 1.66 -24.44 -5.15
N ALA C 104 1.24 -25.68 -4.85
CA ALA C 104 1.77 -26.94 -5.43
C ALA C 104 0.61 -27.67 -6.13
N PRO C 105 0.15 -27.20 -7.31
CA PRO C 105 -1.04 -27.76 -7.94
C PRO C 105 -0.79 -29.18 -8.49
N ARG C 106 -1.88 -29.91 -8.75
CA ARG C 106 -1.87 -31.33 -9.17
C ARG C 106 -2.31 -31.41 -10.64
N THR C 107 -2.64 -30.30 -11.27
CA THR C 107 -3.22 -30.28 -12.64
C THR C 107 -2.77 -29.04 -13.41
N SER C 108 -2.85 -29.12 -14.73
CA SER C 108 -2.81 -27.96 -15.65
C SER C 108 -1.42 -27.29 -15.57
N TYR C 109 -0.37 -28.08 -15.80
CA TYR C 109 1.02 -27.58 -15.86
C TYR C 109 1.31 -27.11 -17.28
N ASP C 110 1.95 -25.94 -17.41
CA ASP C 110 2.31 -25.25 -18.68
C ASP C 110 3.61 -25.80 -19.30
N PHE C 111 4.62 -26.21 -18.50
CA PHE C 111 6.00 -26.54 -18.96
C PHE C 111 6.32 -27.99 -18.60
N TRP C 112 7.00 -28.70 -19.53
CA TRP C 112 7.23 -30.18 -19.51
C TRP C 112 8.68 -30.55 -19.86
N GLY C 113 9.29 -31.46 -19.07
CA GLY C 113 10.61 -32.04 -19.34
C GLY C 113 10.53 -33.25 -20.26
N GLN C 114 11.65 -33.89 -20.58
CA GLN C 114 11.66 -34.91 -21.67
C GLN C 114 11.04 -36.23 -21.18
N GLY C 115 11.04 -36.48 -19.88
CA GLY C 115 10.70 -37.80 -19.31
C GLY C 115 11.94 -38.65 -19.11
N THR C 116 11.94 -39.48 -18.07
CA THR C 116 13.02 -40.46 -17.83
C THR C 116 12.33 -41.79 -17.47
N GLN C 117 12.74 -42.89 -18.08
CA GLN C 117 12.16 -44.22 -17.78
C GLN C 117 12.59 -44.66 -16.39
N VAL C 118 11.62 -45.07 -15.56
CA VAL C 118 11.90 -45.78 -14.28
C VAL C 118 11.31 -47.18 -14.43
N THR C 119 12.11 -48.23 -14.21
CA THR C 119 11.71 -49.65 -14.34
C THR C 119 12.04 -50.35 -13.03
N VAL C 120 11.02 -50.97 -12.41
CA VAL C 120 11.19 -51.81 -11.20
C VAL C 120 10.97 -53.30 -11.55
N SER C 121 11.91 -54.20 -11.17
CA SER C 121 11.97 -55.66 -11.49
C SER C 121 10.59 -56.28 -11.71
N GLN D 1 -33.00 -2.11 5.81
CA GLN D 1 -32.63 -2.60 4.46
C GLN D 1 -32.66 -1.43 3.48
N VAL D 2 -32.19 -1.64 2.24
CA VAL D 2 -32.03 -0.56 1.24
C VAL D 2 -33.39 -0.27 0.61
N GLN D 3 -33.78 1.00 0.56
CA GLN D 3 -35.03 1.40 -0.13
C GLN D 3 -34.75 2.57 -1.07
N LEU D 4 -35.49 2.59 -2.18
CA LEU D 4 -35.57 3.71 -3.14
C LEU D 4 -36.97 4.30 -3.10
N GLN D 5 -37.10 5.62 -3.09
CA GLN D 5 -38.41 6.32 -3.08
C GLN D 5 -38.38 7.35 -4.20
N GLU D 6 -39.22 7.22 -5.21
CA GLU D 6 -39.26 8.20 -6.33
C GLU D 6 -40.58 8.98 -6.30
N SER D 7 -40.61 10.10 -7.02
CA SER D 7 -41.79 10.99 -7.17
C SER D 7 -41.56 11.91 -8.38
N GLY D 8 -42.56 12.74 -8.68
CA GLY D 8 -42.51 13.79 -9.72
C GLY D 8 -43.30 13.38 -10.96
N GLY D 9 -43.92 12.21 -10.91
CA GLY D 9 -44.81 11.69 -11.97
C GLY D 9 -46.10 12.48 -12.07
N GLY D 10 -46.53 12.80 -13.30
CA GLY D 10 -47.81 13.46 -13.57
C GLY D 10 -48.21 13.34 -15.03
N LEU D 11 -49.22 14.12 -15.42
CA LEU D 11 -49.69 14.30 -16.82
C LEU D 11 -49.09 15.61 -17.34
N VAL D 12 -48.59 15.62 -18.58
CA VAL D 12 -48.06 16.86 -19.22
C VAL D 12 -48.36 16.79 -20.73
N GLN D 13 -48.46 17.95 -21.39
CA GLN D 13 -48.71 18.09 -22.85
C GLN D 13 -47.42 17.74 -23.61
N ALA D 14 -47.52 17.19 -24.83
CA ALA D 14 -46.36 16.95 -25.72
C ALA D 14 -45.53 18.24 -25.84
N GLY D 15 -44.20 18.10 -25.85
CA GLY D 15 -43.24 19.22 -25.83
C GLY D 15 -43.07 19.85 -24.44
N GLY D 16 -43.70 19.30 -23.40
CA GLY D 16 -43.53 19.77 -22.01
C GLY D 16 -42.32 19.14 -21.31
N SER D 17 -42.03 19.63 -20.11
CA SER D 17 -40.96 19.17 -19.20
C SER D 17 -41.59 18.47 -18.00
N LEU D 18 -40.88 17.52 -17.41
CA LEU D 18 -41.18 16.95 -16.08
C LEU D 18 -39.84 16.57 -15.42
N ARG D 19 -39.77 16.63 -14.09
CA ARG D 19 -38.55 16.28 -13.32
C ARG D 19 -38.87 15.17 -12.31
N LEU D 20 -38.21 14.03 -12.42
CA LEU D 20 -38.36 12.92 -11.47
C LEU D 20 -37.21 13.05 -10.46
N SER D 21 -37.46 12.65 -9.24
CA SER D 21 -36.44 12.56 -8.20
C SER D 21 -36.51 11.19 -7.57
N CYS D 22 -35.37 10.71 -7.09
CA CYS D 22 -35.23 9.46 -6.32
C CYS D 22 -34.25 9.68 -5.18
N ALA D 23 -34.55 9.07 -4.03
CA ALA D 23 -33.69 9.05 -2.84
C ALA D 23 -33.52 7.60 -2.38
N LYS D 24 -32.26 7.22 -2.11
CA LYS D 24 -31.90 5.95 -1.44
C LYS D 24 -31.79 6.20 0.07
N SER D 25 -32.28 5.27 0.86
CA SER D 25 -32.14 5.25 2.32
C SER D 25 -31.72 3.84 2.72
N GLY D 26 -31.28 3.69 3.97
CA GLY D 26 -30.73 2.41 4.44
C GLY D 26 -29.24 2.30 4.11
N ARG D 27 -28.58 1.34 4.76
CA ARG D 27 -27.11 1.13 4.72
C ARG D 27 -26.74 0.41 3.42
N THR D 28 -25.82 1.00 2.66
CA THR D 28 -25.09 0.37 1.52
C THR D 28 -23.63 0.22 1.92
N PHE D 29 -22.93 -0.78 1.40
CA PHE D 29 -21.61 -1.20 1.94
C PHE D 29 -20.48 -0.89 0.96
N ARG D 30 -20.80 -0.21 -0.15
CA ARG D 30 -19.82 0.30 -1.14
C ARG D 30 -20.57 1.15 -2.15
N ALA D 31 -19.85 1.67 -3.15
CA ALA D 31 -20.39 2.63 -4.12
C ALA D 31 -21.51 1.96 -4.92
N TYR D 32 -22.49 2.76 -5.35
CA TYR D 32 -23.71 2.28 -6.04
C TYR D 32 -24.07 3.30 -7.10
N ALA D 33 -24.41 2.79 -8.27
CA ALA D 33 -24.99 3.56 -9.40
C ALA D 33 -26.47 3.80 -9.10
N MET D 34 -27.04 4.86 -9.65
CA MET D 34 -28.51 5.06 -9.62
C MET D 34 -28.97 5.24 -11.06
N GLY D 35 -30.07 4.58 -11.43
CA GLY D 35 -30.60 4.65 -12.78
C GLY D 35 -32.10 4.75 -12.81
N TRP D 36 -32.60 5.11 -13.99
CA TRP D 36 -34.02 5.19 -14.40
C TRP D 36 -34.30 4.15 -15.48
N PHE D 37 -35.33 3.33 -15.26
CA PHE D 37 -35.97 2.40 -16.22
C PHE D 37 -37.44 2.81 -16.43
N ARG D 38 -38.04 2.42 -17.56
CA ARG D 38 -39.48 2.67 -17.83
C ARG D 38 -40.15 1.42 -18.43
N GLN D 39 -41.46 1.33 -18.22
CA GLN D 39 -42.31 0.21 -18.66
C GLN D 39 -43.68 0.78 -19.00
N ALA D 40 -43.99 0.82 -20.31
CA ALA D 40 -45.29 1.20 -20.90
C ALA D 40 -46.25 0.02 -20.78
N PRO D 41 -47.58 0.25 -20.93
CA PRO D 41 -48.57 -0.83 -20.80
C PRO D 41 -48.30 -1.96 -21.81
N GLY D 42 -48.19 -3.20 -21.31
CA GLY D 42 -48.01 -4.42 -22.11
C GLY D 42 -46.55 -4.73 -22.43
N LYS D 43 -45.78 -3.74 -22.89
CA LYS D 43 -44.41 -3.89 -23.46
C LYS D 43 -43.39 -4.15 -22.34
N GLU D 44 -42.11 -4.31 -22.71
CA GLU D 44 -41.02 -4.78 -21.82
C GLU D 44 -40.26 -3.60 -21.18
N ARG D 45 -39.77 -3.82 -19.97
CA ARG D 45 -38.99 -2.84 -19.15
C ARG D 45 -37.72 -2.42 -19.88
N GLU D 46 -37.55 -1.12 -20.19
CA GLU D 46 -36.34 -0.63 -20.90
C GLU D 46 -35.51 0.37 -20.06
N PHE D 47 -34.21 0.39 -20.30
CA PHE D 47 -33.24 1.30 -19.66
C PHE D 47 -33.50 2.72 -20.17
N VAL D 48 -33.46 3.74 -19.28
CA VAL D 48 -33.52 5.15 -19.71
C VAL D 48 -32.17 5.84 -19.50
N ALA D 49 -31.64 5.82 -18.29
CA ALA D 49 -30.41 6.56 -17.94
C ALA D 49 -29.84 6.01 -16.63
N ALA D 50 -28.54 6.22 -16.42
CA ALA D 50 -27.83 5.80 -15.19
C ALA D 50 -26.67 6.75 -14.95
N ILE D 51 -26.29 6.88 -13.69
CA ILE D 51 -25.17 7.75 -13.28
C ILE D 51 -24.41 7.02 -12.18
N ASP D 52 -23.09 7.10 -12.25
CA ASP D 52 -22.20 6.42 -11.28
C ASP D 52 -22.21 7.20 -9.97
N TRP D 53 -21.66 6.57 -8.95
CA TRP D 53 -21.57 7.10 -7.57
C TRP D 53 -20.75 8.40 -7.56
N SER D 54 -19.67 8.48 -8.32
CA SER D 54 -18.81 9.69 -8.41
C SER D 54 -19.55 10.82 -9.15
N ALA D 55 -20.66 10.49 -9.80
CA ALA D 55 -21.51 11.44 -10.57
C ALA D 55 -20.75 12.03 -11.77
N ALA D 56 -19.78 11.28 -12.32
CA ALA D 56 -18.90 11.75 -13.42
C ALA D 56 -19.22 11.01 -14.73
N ILE D 57 -19.89 9.87 -14.64
CA ILE D 57 -20.18 8.93 -15.78
C ILE D 57 -21.70 8.82 -15.91
N THR D 58 -22.22 9.02 -17.12
CA THR D 58 -23.64 8.81 -17.47
C THR D 58 -23.76 7.90 -18.70
N ASN D 59 -24.76 7.02 -18.71
CA ASN D 59 -25.26 6.24 -19.87
C ASN D 59 -26.75 6.58 -20.10
N TYR D 60 -27.11 6.80 -21.36
CA TYR D 60 -28.48 7.16 -21.80
C TYR D 60 -28.95 6.17 -22.89
N ALA D 61 -30.24 5.86 -22.98
CA ALA D 61 -30.83 5.18 -24.16
C ALA D 61 -30.77 6.16 -25.35
N ASP D 62 -30.63 5.64 -26.57
CA ASP D 62 -30.53 6.49 -27.80
C ASP D 62 -31.79 7.36 -27.89
N SER D 63 -32.97 6.81 -27.57
CA SER D 63 -34.29 7.48 -27.75
C SER D 63 -34.42 8.74 -26.86
N VAL D 64 -33.63 8.91 -25.79
CA VAL D 64 -33.76 10.06 -24.84
C VAL D 64 -32.57 11.01 -24.95
N LYS D 65 -31.53 10.70 -25.73
CA LYS D 65 -30.31 11.56 -25.86
C LYS D 65 -30.71 12.95 -26.38
N GLY D 66 -30.14 14.03 -25.82
CA GLY D 66 -30.46 15.44 -26.13
C GLY D 66 -31.83 15.89 -25.60
N ARG D 67 -32.57 15.02 -24.90
CA ARG D 67 -33.90 15.38 -24.35
C ARG D 67 -33.89 15.17 -22.83
N PHE D 68 -33.49 13.99 -22.35
CA PHE D 68 -33.40 13.65 -20.91
C PHE D 68 -31.96 13.83 -20.41
N THR D 69 -31.84 14.40 -19.21
CA THR D 69 -30.58 14.48 -18.41
C THR D 69 -30.79 13.80 -17.05
N ILE D 70 -29.82 12.98 -16.62
CA ILE D 70 -29.77 12.39 -15.26
C ILE D 70 -28.73 13.18 -14.44
N LEU D 71 -29.09 13.50 -13.21
CA LEU D 71 -28.30 14.40 -12.34
C LEU D 71 -28.11 13.70 -11.00
N ARG D 72 -26.96 13.97 -10.38
CA ARG D 72 -26.57 13.42 -9.07
C ARG D 72 -25.37 14.21 -8.58
N ASP D 73 -25.20 14.34 -7.28
CA ASP D 73 -23.97 14.92 -6.69
C ASP D 73 -23.11 13.76 -6.19
N LYS D 74 -21.81 13.88 -6.40
CA LYS D 74 -20.79 12.86 -6.06
C LYS D 74 -21.11 12.21 -4.71
N GLY D 75 -21.26 10.89 -4.69
CA GLY D 75 -21.40 10.10 -3.45
C GLY D 75 -22.78 10.19 -2.79
N MET D 76 -23.67 11.03 -3.33
CA MET D 76 -24.95 11.38 -2.67
C MET D 76 -26.09 10.41 -3.06
N ASN D 77 -27.19 10.42 -2.27
CA ASN D 77 -28.26 9.40 -2.26
C ASN D 77 -29.47 9.81 -3.13
N THR D 78 -29.41 10.94 -3.83
CA THR D 78 -30.52 11.39 -4.71
C THR D 78 -30.05 11.41 -6.17
N ALA D 79 -30.94 10.96 -7.04
CA ALA D 79 -30.79 11.10 -8.50
C ALA D 79 -32.04 11.77 -9.06
N TYR D 80 -31.87 12.46 -10.17
CA TYR D 80 -32.93 13.23 -10.84
C TYR D 80 -32.87 12.91 -12.35
N LEU D 81 -34.04 12.86 -12.96
CA LEU D 81 -34.24 12.77 -14.41
C LEU D 81 -34.95 14.05 -14.87
N GLN D 82 -34.24 14.97 -15.53
CA GLN D 82 -34.88 16.17 -16.13
C GLN D 82 -35.38 15.74 -17.53
N MET D 83 -36.68 15.51 -17.68
CA MET D 83 -37.30 15.02 -18.95
C MET D 83 -37.85 16.22 -19.72
N ASN D 84 -37.14 16.67 -20.76
CA ASN D 84 -37.57 17.79 -21.65
C ASN D 84 -38.07 17.25 -23.00
N SER D 85 -38.67 18.13 -23.82
CA SER D 85 -39.28 17.79 -25.13
C SER D 85 -40.02 16.44 -25.08
N LEU D 86 -40.85 16.22 -24.05
CA LEU D 86 -41.57 14.92 -23.84
C LEU D 86 -42.54 14.67 -25.01
N GLU D 87 -42.68 13.41 -25.40
CA GLU D 87 -43.49 12.94 -26.56
C GLU D 87 -44.40 11.83 -26.01
N PRO D 88 -45.58 11.56 -26.62
CA PRO D 88 -46.53 10.54 -26.12
C PRO D 88 -45.96 9.12 -25.92
N GLU D 89 -44.94 8.77 -26.69
CA GLU D 89 -44.21 7.47 -26.65
C GLU D 89 -43.36 7.37 -25.37
N ASP D 90 -43.10 8.48 -24.68
CA ASP D 90 -42.39 8.49 -23.38
C ASP D 90 -43.33 8.10 -22.23
N THR D 91 -44.64 7.92 -22.49
CA THR D 91 -45.66 7.53 -21.47
C THR D 91 -45.20 6.21 -20.83
N ALA D 92 -45.21 6.09 -19.51
CA ALA D 92 -44.81 4.84 -18.82
C ALA D 92 -44.78 5.04 -17.31
N VAL D 93 -44.68 3.94 -16.57
CA VAL D 93 -44.21 3.91 -15.15
C VAL D 93 -42.68 4.03 -15.18
N TYR D 94 -42.11 5.08 -14.58
CA TYR D 94 -40.65 5.28 -14.44
C TYR D 94 -40.22 4.77 -13.07
N TYR D 95 -39.26 3.84 -13.07
CA TYR D 95 -38.71 3.20 -11.86
C TYR D 95 -37.29 3.72 -11.65
N CYS D 96 -37.02 4.16 -10.44
CA CYS D 96 -35.66 4.34 -9.88
C CYS D 96 -35.04 2.97 -9.59
N ALA D 97 -33.74 2.79 -9.85
CA ALA D 97 -32.99 1.60 -9.37
C ALA D 97 -31.58 2.00 -8.94
N ALA D 98 -30.99 1.16 -8.12
CA ALA D 98 -29.59 1.30 -7.67
C ALA D 98 -28.90 -0.07 -7.72
N THR D 99 -27.59 -0.09 -7.94
CA THR D 99 -26.80 -1.34 -7.90
C THR D 99 -25.35 -1.01 -7.54
N TYR D 100 -24.70 -1.93 -6.83
CA TYR D 100 -23.25 -1.89 -6.47
C TYR D 100 -22.41 -1.83 -7.75
N SER D 101 -21.64 -0.76 -7.93
CA SER D 101 -20.84 -0.51 -9.15
C SER D 101 -20.01 0.77 -8.97
N THR D 102 -18.92 0.85 -9.73
CA THR D 102 -18.07 2.07 -9.87
C THR D 102 -18.37 2.73 -11.19
N ILE D 103 -19.37 2.25 -11.93
CA ILE D 103 -19.67 2.83 -13.26
C ILE D 103 -21.16 3.09 -13.30
N ALA D 104 -21.72 3.24 -14.51
CA ALA D 104 -23.14 3.54 -14.78
C ALA D 104 -23.77 2.41 -15.61
N PRO D 105 -24.03 1.21 -15.05
CA PRO D 105 -24.47 0.09 -15.86
C PRO D 105 -25.87 0.29 -16.49
N ARG D 106 -26.25 -0.66 -17.36
CA ARG D 106 -27.50 -0.67 -18.14
C ARG D 106 -28.40 -1.84 -17.75
N THR D 107 -27.84 -2.77 -16.99
CA THR D 107 -28.52 -4.03 -16.62
C THR D 107 -28.08 -4.47 -15.23
N SER D 108 -28.68 -5.55 -14.75
CA SER D 108 -28.36 -6.19 -13.45
C SER D 108 -28.37 -5.22 -12.27
N TYR D 109 -29.49 -4.54 -12.11
CA TYR D 109 -29.78 -3.66 -10.94
C TYR D 109 -30.49 -4.48 -9.86
N ASP D 110 -29.96 -4.42 -8.63
CA ASP D 110 -30.37 -5.20 -7.42
C ASP D 110 -31.53 -4.51 -6.67
N PHE D 111 -31.61 -3.18 -6.69
CA PHE D 111 -32.55 -2.39 -5.85
C PHE D 111 -33.49 -1.57 -6.73
N TRP D 112 -34.78 -1.56 -6.37
CA TRP D 112 -35.88 -1.03 -7.22
C TRP D 112 -36.84 -0.14 -6.41
N GLY D 113 -37.17 1.02 -6.99
CA GLY D 113 -38.31 1.87 -6.59
C GLY D 113 -39.65 1.16 -6.79
N GLN D 114 -40.76 1.83 -6.41
CA GLN D 114 -42.17 1.34 -6.51
C GLN D 114 -42.72 1.89 -7.84
N GLY D 115 -42.09 2.93 -8.39
CA GLY D 115 -42.42 3.47 -9.72
C GLY D 115 -43.31 4.69 -9.61
N THR D 116 -43.28 5.53 -10.64
CA THR D 116 -44.11 6.76 -10.75
C THR D 116 -44.59 6.87 -12.20
N GLN D 117 -45.88 7.16 -12.39
CA GLN D 117 -46.56 7.22 -13.71
C GLN D 117 -46.25 8.56 -14.36
N VAL D 118 -45.73 8.51 -15.57
CA VAL D 118 -45.63 9.69 -16.46
C VAL D 118 -46.60 9.45 -17.62
N THR D 119 -47.37 10.47 -17.95
CA THR D 119 -48.35 10.37 -19.05
C THR D 119 -48.19 11.60 -19.92
N VAL D 120 -47.87 11.41 -21.19
CA VAL D 120 -47.73 12.58 -22.11
C VAL D 120 -48.93 12.57 -23.06
N SER D 121 -49.75 13.61 -23.02
CA SER D 121 -50.95 13.65 -23.89
C SER D 121 -50.68 14.52 -25.12
N SER D 122 -50.72 13.88 -26.30
CA SER D 122 -50.51 14.52 -27.64
C SER D 122 -51.32 15.81 -27.75
#